data_5CPO
#
_entry.id   5CPO
#
_cell.length_a   57.110
_cell.length_b   84.140
_cell.length_c   156.930
_cell.angle_alpha   90.00
_cell.angle_beta   90.00
_cell.angle_gamma   90.00
#
_symmetry.space_group_name_H-M   'P 2 21 21'
#
loop_
_entity.id
_entity.type
_entity.pdbx_description
1 polymer 'Xenobiotic reductase'
2 non-polymer 1-butyl-1,4,5,6-tetrahydropyridine-3-carboxamide
3 non-polymer 1-DEOXY-1-(7,8-DIMETHYL-2,4-DIOXO-3,4-DIHYDRO-2H-BENZO[G]PTERIDIN-1-ID-10(5H)-YL)-5-O-PHOSPHONATO-D-RIBITOL
4 non-polymer 'CALCIUM ION'
5 water water
#
_entity_poly.entity_id   1
_entity_poly.type   'polypeptide(L)'
_entity_poly.pdbx_seq_one_letter_code
;MSALFEPYTLKDVTLRNRIAIPPMCQYMAEDGLINDWHQVHYASMARGGAGLLVVEATAVAPEGRITPGCAGIWSDAHAQ
AFVPVVQAIKAAGSVPGIQIAHAGRKASANRPWEGDDHIGADDARGWETIAPSAIAFGAHLPNVPRAMTLDDIARVKQDF
VDAARRARDAGFEWIELHFAHGYLGQSFFSEHSNKRTDAYGGSFDNRSRFLLETLAAVREVWPENLPLTARFGVLEYDGR
DEQTLEESIELARRFKAGGLDLLSVSVGFTIPETNIPWGPAFMGPIAERVRREAKLPVTSAWGFGTPQLAEAALQANQLD
LVSVGRAHLADPHWAYFAAKELGVEKASWTLPAPYAHWLERYRRPHHHHHH
;
_entity_poly.pdbx_strand_id   A,B
#
loop_
_chem_comp.id
_chem_comp.type
_chem_comp.name
_chem_comp.formula
CA non-polymer 'CALCIUM ION' 'Ca 2'
FNR non-polymer 1-DEOXY-1-(7,8-DIMETHYL-2,4-DIOXO-3,4-DIHYDRO-2H-BENZO[G]PTERIDIN-1-ID-10(5H)-YL)-5-O-PHOSPHONATO-D-RIBITOL 'C17 H23 N4 O9 P'
XEN non-polymer 1-butyl-1,4,5,6-tetrahydropyridine-3-carboxamide 'C10 H18 N2 O'
#
# COMPACT_ATOMS: atom_id res chain seq x y z
N SER A 2 -4.46 22.14 -12.46
CA SER A 2 -3.35 21.30 -12.87
C SER A 2 -3.79 20.31 -13.97
N ALA A 3 -3.06 20.30 -15.09
CA ALA A 3 -3.35 19.39 -16.19
C ALA A 3 -3.33 17.93 -15.72
N LEU A 4 -2.41 17.61 -14.83
CA LEU A 4 -2.25 16.23 -14.38
C LEU A 4 -3.49 15.72 -13.64
N PHE A 5 -4.28 16.61 -13.07
CA PHE A 5 -5.47 16.17 -12.32
C PHE A 5 -6.79 16.50 -13.02
N GLU A 6 -6.73 16.69 -14.34
CA GLU A 6 -7.95 16.76 -15.14
C GLU A 6 -8.45 15.37 -15.51
N PRO A 7 -9.76 15.14 -15.43
CA PRO A 7 -10.29 13.84 -15.88
C PRO A 7 -10.04 13.58 -17.38
N TYR A 8 -10.18 12.32 -17.78
CA TYR A 8 -9.99 11.93 -19.18
C TYR A 8 -11.02 10.90 -19.57
N THR A 9 -11.69 11.11 -20.70
CA THR A 9 -12.71 10.18 -21.11
C THR A 9 -12.31 9.58 -22.45
N LEU A 10 -12.37 8.25 -22.52
CA LEU A 10 -12.07 7.50 -23.74
C LEU A 10 -13.11 6.39 -23.84
N LYS A 11 -13.80 6.33 -24.98
CA LYS A 11 -14.99 5.48 -25.11
C LYS A 11 -15.88 5.70 -23.88
N ASP A 12 -16.35 4.64 -23.21
CA ASP A 12 -17.24 4.83 -22.06
C ASP A 12 -16.52 4.99 -20.71
N VAL A 13 -15.20 5.01 -20.73
CA VAL A 13 -14.41 5.04 -19.52
C VAL A 13 -13.97 6.47 -19.19
N THR A 14 -14.15 6.86 -17.95
CA THR A 14 -13.64 8.13 -17.48
C THR A 14 -12.65 7.91 -16.34
N LEU A 15 -11.44 8.42 -16.55
CA LEU A 15 -10.39 8.42 -15.55
C LEU A 15 -10.44 9.69 -14.73
N ARG A 16 -10.27 9.57 -13.42
CA ARG A 16 -10.36 10.73 -12.54
C ARG A 16 -9.18 11.73 -12.65
N ASN A 17 -8.07 11.32 -13.25
CA ASN A 17 -6.95 12.22 -13.52
C ASN A 17 -6.12 11.62 -14.64
N ARG A 18 -4.99 12.24 -14.98
CA ARG A 18 -4.19 11.79 -16.11
C ARG A 18 -3.00 10.93 -15.66
N ILE A 19 -3.01 10.46 -14.42
CA ILE A 19 -1.96 9.57 -13.90
C ILE A 19 -2.33 8.12 -14.19
N ALA A 20 -1.50 7.45 -14.98
CA ALA A 20 -1.64 6.03 -15.24
C ALA A 20 -0.51 5.29 -14.56
N ILE A 21 -0.84 4.16 -13.95
CA ILE A 21 0.18 3.25 -13.49
C ILE A 21 0.37 2.23 -14.62
N PRO A 22 1.57 2.21 -15.24
CA PRO A 22 1.81 1.27 -16.33
C PRO A 22 2.02 -0.13 -15.86
N PRO A 23 1.91 -1.11 -16.76
CA PRO A 23 2.14 -2.48 -16.34
C PRO A 23 3.55 -2.67 -15.76
N MET A 24 3.64 -3.29 -14.58
CA MET A 24 4.93 -3.66 -13.99
C MET A 24 4.91 -5.06 -13.41
N CYS A 25 5.52 -6.00 -14.14
CA CYS A 25 5.74 -7.38 -13.68
C CYS A 25 6.24 -7.44 -12.25
N GLN A 26 5.63 -8.33 -11.49
CA GLN A 26 5.95 -8.53 -10.08
C GLN A 26 6.72 -9.82 -9.84
N TYR A 27 6.66 -10.72 -10.81
CA TYR A 27 7.37 -12.01 -10.75
C TYR A 27 7.03 -12.83 -9.48
N MET A 28 5.81 -12.68 -8.98
CA MET A 28 5.39 -13.38 -7.76
C MET A 28 4.29 -14.42 -7.96
N ALA A 29 3.91 -14.68 -9.20
CA ALA A 29 2.85 -15.66 -9.48
C ALA A 29 3.44 -17.07 -9.54
N GLU A 30 2.59 -18.09 -9.40
CA GLU A 30 3.04 -19.47 -9.49
C GLU A 30 2.19 -20.19 -10.52
N ASP A 31 2.81 -20.71 -11.57
CA ASP A 31 2.06 -21.35 -12.66
C ASP A 31 1.02 -20.37 -13.20
N GLY A 32 1.39 -19.10 -13.31
CA GLY A 32 0.50 -18.08 -13.85
C GLY A 32 -0.55 -17.51 -12.91
N LEU A 33 -0.74 -18.14 -11.74
CA LEU A 33 -1.81 -17.74 -10.83
C LEU A 33 -1.35 -16.61 -9.92
N ILE A 34 -2.07 -15.51 -9.90
CA ILE A 34 -1.72 -14.46 -8.96
C ILE A 34 -2.21 -14.82 -7.54
N ASN A 35 -1.82 -14.01 -6.57
CA ASN A 35 -2.02 -14.36 -5.16
C ASN A 35 -2.02 -13.09 -4.28
N ASP A 36 -1.83 -13.24 -2.95
CA ASP A 36 -1.96 -12.08 -2.06
C ASP A 36 -0.89 -11.02 -2.31
N TRP A 37 0.26 -11.40 -2.87
CA TRP A 37 1.22 -10.40 -3.25
C TRP A 37 0.52 -9.36 -4.13
N HIS A 38 -0.09 -9.83 -5.24
CA HIS A 38 -0.71 -8.95 -6.21
C HIS A 38 -1.90 -8.23 -5.65
N GLN A 39 -2.71 -8.93 -4.86
CA GLN A 39 -3.96 -8.34 -4.36
C GLN A 39 -3.67 -7.04 -3.61
N VAL A 40 -2.74 -7.11 -2.66
CA VAL A 40 -2.38 -5.94 -1.84
C VAL A 40 -1.64 -4.89 -2.66
N HIS A 41 -0.72 -5.34 -3.49
CA HIS A 41 0.08 -4.47 -4.35
C HIS A 41 -0.82 -3.55 -5.19
N TYR A 42 -1.76 -4.16 -5.92
CA TYR A 42 -2.61 -3.39 -6.82
C TYR A 42 -3.65 -2.57 -6.04
N ALA A 43 -4.22 -3.14 -4.95
CA ALA A 43 -5.25 -2.39 -4.21
C ALA A 43 -4.62 -1.13 -3.58
N SER A 44 -3.42 -1.27 -3.02
CA SER A 44 -2.77 -0.14 -2.35
C SER A 44 -2.46 0.99 -3.33
N MET A 45 -1.93 0.66 -4.52
CA MET A 45 -1.63 1.70 -5.52
C MET A 45 -2.89 2.38 -6.02
N ALA A 46 -3.95 1.61 -6.21
CA ALA A 46 -5.21 2.21 -6.65
C ALA A 46 -5.76 3.17 -5.63
N ARG A 47 -5.66 2.84 -4.35
CA ARG A 47 -6.08 3.75 -3.28
C ARG A 47 -5.22 5.02 -3.24
N GLY A 48 -4.00 4.92 -3.76
CA GLY A 48 -3.08 6.03 -3.82
C GLY A 48 -3.52 7.19 -4.69
N GLY A 49 -4.47 6.94 -5.60
CA GLY A 49 -5.11 8.00 -6.36
C GLY A 49 -4.99 8.00 -7.87
N ALA A 50 -4.12 7.15 -8.42
CA ALA A 50 -3.99 7.10 -9.87
C ALA A 50 -5.34 6.81 -10.52
N GLY A 51 -5.60 7.45 -11.66
CA GLY A 51 -6.85 7.25 -12.37
C GLY A 51 -7.00 5.95 -13.13
N LEU A 52 -5.87 5.40 -13.56
CA LEU A 52 -5.81 4.14 -14.33
C LEU A 52 -4.70 3.28 -13.78
N LEU A 53 -4.99 2.01 -13.57
CA LEU A 53 -3.98 1.05 -13.17
C LEU A 53 -3.97 -0.12 -14.15
N VAL A 54 -2.93 -0.22 -14.96
CA VAL A 54 -2.79 -1.32 -15.90
C VAL A 54 -1.97 -2.43 -15.25
N VAL A 55 -2.61 -3.58 -15.07
CA VAL A 55 -2.00 -4.77 -14.49
C VAL A 55 -0.86 -5.21 -15.40
N GLU A 56 0.18 -5.73 -14.77
CA GLU A 56 1.39 -6.25 -15.40
C GLU A 56 1.18 -7.19 -16.58
N ALA A 57 2.22 -7.29 -17.42
CA ALA A 57 2.24 -8.24 -18.53
C ALA A 57 1.75 -9.62 -18.09
N THR A 58 0.63 -10.04 -18.68
CA THR A 58 -0.03 -11.28 -18.31
C THR A 58 -0.04 -12.19 -19.52
N ALA A 59 0.61 -13.34 -19.40
CA ALA A 59 0.84 -14.22 -20.55
C ALA A 59 -0.43 -14.88 -21.08
N VAL A 60 -0.56 -14.88 -22.41
CA VAL A 60 -1.71 -15.46 -23.09
C VAL A 60 -1.57 -16.99 -23.23
N ALA A 61 -0.37 -17.48 -22.96
CA ALA A 61 -0.02 -18.90 -23.06
C ALA A 61 1.17 -19.17 -22.14
N PRO A 62 1.34 -20.41 -21.67
CA PRO A 62 2.40 -20.63 -20.65
C PRO A 62 3.77 -20.30 -21.14
N GLU A 63 4.05 -20.62 -22.40
CA GLU A 63 5.38 -20.37 -22.95
C GLU A 63 5.57 -18.88 -23.22
N GLY A 64 4.51 -18.10 -23.05
CA GLY A 64 4.55 -16.66 -23.27
C GLY A 64 4.89 -15.84 -22.02
N ARG A 65 5.05 -16.53 -20.89
CA ARG A 65 5.59 -15.88 -19.68
C ARG A 65 7.03 -15.48 -19.91
N ILE A 66 7.49 -14.38 -19.28
CA ILE A 66 8.92 -14.07 -19.31
C ILE A 66 9.65 -15.07 -18.40
N THR A 67 9.09 -15.28 -17.20
CA THR A 67 9.72 -16.04 -16.12
C THR A 67 8.74 -17.00 -15.44
N PRO A 68 9.25 -17.90 -14.57
CA PRO A 68 8.34 -18.76 -13.79
C PRO A 68 7.46 -18.01 -12.81
N GLY A 69 7.71 -16.73 -12.62
CA GLY A 69 6.91 -15.92 -11.72
C GLY A 69 5.88 -15.05 -12.39
N CYS A 70 5.77 -15.14 -13.71
CA CYS A 70 4.88 -14.24 -14.44
C CYS A 70 3.43 -14.67 -14.33
N ALA A 71 2.55 -13.68 -14.31
CA ALA A 71 1.10 -13.91 -14.32
C ALA A 71 0.68 -14.44 -15.68
N GLY A 72 -0.41 -15.22 -15.66
CA GLY A 72 -1.03 -15.73 -16.88
C GLY A 72 -2.53 -15.58 -16.87
N ILE A 73 -3.10 -15.67 -18.08
CA ILE A 73 -4.54 -15.62 -18.21
C ILE A 73 -4.96 -16.62 -19.30
N TRP A 74 -4.30 -17.78 -19.30
CA TRP A 74 -4.51 -18.78 -20.37
C TRP A 74 -5.56 -19.83 -20.05
N SER A 75 -6.24 -19.69 -18.92
CA SER A 75 -7.35 -20.53 -18.57
C SER A 75 -8.36 -19.70 -17.78
N ASP A 76 -9.59 -20.20 -17.69
CA ASP A 76 -10.62 -19.51 -16.93
C ASP A 76 -10.27 -19.44 -15.42
N ALA A 77 -9.53 -20.41 -14.88
CA ALA A 77 -9.13 -20.32 -13.48
C ALA A 77 -8.18 -19.14 -13.24
N HIS A 78 -7.30 -18.88 -14.21
CA HIS A 78 -6.38 -17.75 -14.13
C HIS A 78 -7.16 -16.43 -14.16
N ALA A 79 -8.16 -16.37 -15.04
CA ALA A 79 -9.00 -15.20 -15.16
C ALA A 79 -9.81 -14.91 -13.90
N GLN A 80 -10.34 -15.97 -13.29
CA GLN A 80 -11.11 -15.81 -12.06
C GLN A 80 -10.24 -15.23 -10.94
N ALA A 81 -8.95 -15.58 -10.94
CA ALA A 81 -8.03 -15.07 -9.90
C ALA A 81 -7.90 -13.54 -9.99
N PHE A 82 -8.09 -12.97 -11.18
CA PHE A 82 -7.99 -11.51 -11.34
C PHE A 82 -9.24 -10.78 -10.83
N VAL A 83 -10.36 -11.48 -10.68
CA VAL A 83 -11.59 -10.76 -10.31
C VAL A 83 -11.44 -9.89 -9.05
N PRO A 84 -10.87 -10.42 -7.96
CA PRO A 84 -10.75 -9.54 -6.78
C PRO A 84 -9.77 -8.38 -6.97
N VAL A 85 -8.83 -8.49 -7.90
CA VAL A 85 -7.91 -7.38 -8.18
C VAL A 85 -8.66 -6.29 -8.91
N VAL A 86 -9.41 -6.69 -9.94
CA VAL A 86 -10.26 -5.79 -10.68
C VAL A 86 -11.19 -5.03 -9.75
N GLN A 87 -11.86 -5.77 -8.87
CA GLN A 87 -12.87 -5.16 -8.01
C GLN A 87 -12.25 -4.25 -6.95
N ALA A 88 -11.06 -4.58 -6.49
CA ALA A 88 -10.37 -3.72 -5.49
C ALA A 88 -9.88 -2.42 -6.15
N ILE A 89 -9.43 -2.50 -7.40
CA ILE A 89 -9.05 -1.29 -8.14
C ILE A 89 -10.26 -0.37 -8.31
N LYS A 90 -11.38 -0.92 -8.74
CA LYS A 90 -12.61 -0.14 -8.90
C LYS A 90 -13.12 0.41 -7.59
N ALA A 91 -13.09 -0.39 -6.52
CA ALA A 91 -13.57 0.08 -5.22
C ALA A 91 -12.81 1.33 -4.76
N ALA A 92 -11.52 1.40 -5.13
CA ALA A 92 -10.65 2.55 -4.83
C ALA A 92 -10.93 3.76 -5.73
N GLY A 93 -11.79 3.61 -6.75
CA GLY A 93 -12.10 4.69 -7.66
C GLY A 93 -11.15 4.83 -8.85
N SER A 94 -10.28 3.84 -9.05
CA SER A 94 -9.39 3.80 -10.20
C SER A 94 -10.04 2.91 -11.28
N VAL A 95 -9.48 2.94 -12.48
CA VAL A 95 -9.96 2.09 -13.57
C VAL A 95 -9.01 0.92 -13.75
N PRO A 96 -9.52 -0.31 -13.72
CA PRO A 96 -8.65 -1.47 -13.92
C PRO A 96 -8.40 -1.80 -15.39
N GLY A 97 -7.13 -1.90 -15.75
CA GLY A 97 -6.74 -2.36 -17.08
C GLY A 97 -5.78 -3.53 -16.95
N ILE A 98 -5.55 -4.20 -18.06
CA ILE A 98 -4.56 -5.26 -18.10
C ILE A 98 -3.81 -5.27 -19.42
N GLN A 99 -2.52 -5.55 -19.29
CA GLN A 99 -1.67 -5.81 -20.44
C GLN A 99 -1.54 -7.32 -20.71
N ILE A 100 -1.96 -7.76 -21.91
CA ILE A 100 -1.83 -9.18 -22.26
C ILE A 100 -0.66 -9.32 -23.24
N ALA A 101 0.09 -10.40 -23.08
CA ALA A 101 1.46 -10.45 -23.55
C ALA A 101 1.90 -11.83 -23.99
N HIS A 102 2.97 -11.86 -24.78
CA HIS A 102 3.68 -13.08 -25.10
C HIS A 102 5.15 -12.74 -25.31
N ALA A 103 5.99 -13.30 -24.45
CA ALA A 103 7.38 -12.88 -24.33
C ALA A 103 8.28 -13.34 -25.48
N GLY A 104 7.80 -14.22 -26.36
CA GLY A 104 8.58 -14.56 -27.54
C GLY A 104 9.94 -15.12 -27.18
N ARG A 105 11.00 -14.65 -27.84
CA ARG A 105 12.32 -15.23 -27.61
C ARG A 105 12.94 -14.79 -26.28
N LYS A 106 12.34 -13.80 -25.63
CA LYS A 106 12.85 -13.38 -24.33
C LYS A 106 12.22 -14.17 -23.19
N ALA A 107 11.37 -15.15 -23.51
CA ALA A 107 10.76 -16.03 -22.49
C ALA A 107 11.74 -17.02 -21.87
N SER A 108 11.28 -17.71 -20.82
CA SER A 108 12.03 -18.76 -20.11
C SER A 108 13.29 -18.18 -19.49
N ALA A 109 13.13 -17.04 -18.81
CA ALA A 109 14.23 -16.37 -18.12
C ALA A 109 14.02 -16.42 -16.61
N ASN A 110 15.13 -16.29 -15.89
CA ASN A 110 15.11 -16.11 -14.44
C ASN A 110 14.50 -14.76 -14.03
N ARG A 111 13.96 -14.71 -12.81
CA ARG A 111 13.51 -13.45 -12.22
CA ARG A 111 13.52 -13.45 -12.21
C ARG A 111 14.68 -12.47 -12.18
N PRO A 112 14.39 -11.16 -12.23
CA PRO A 112 15.50 -10.20 -12.35
C PRO A 112 16.51 -10.26 -11.20
N TRP A 113 16.04 -10.53 -10.00
CA TRP A 113 16.95 -10.59 -8.84
C TRP A 113 17.48 -12.01 -8.64
N GLU A 114 17.25 -12.87 -9.63
CA GLU A 114 17.78 -14.23 -9.58
C GLU A 114 18.62 -14.54 -10.83
N GLY A 115 19.29 -13.52 -11.36
CA GLY A 115 20.19 -13.68 -12.49
C GLY A 115 19.73 -12.93 -13.73
N ASP A 116 18.43 -12.82 -13.89
CA ASP A 116 17.84 -12.06 -15.00
C ASP A 116 18.21 -12.63 -16.38
N ASP A 117 18.67 -13.87 -16.42
CA ASP A 117 19.20 -14.46 -17.65
C ASP A 117 18.38 -15.66 -18.07
N HIS A 118 18.58 -16.10 -19.31
CA HIS A 118 17.87 -17.28 -19.78
C HIS A 118 18.14 -18.46 -18.87
N ILE A 119 17.09 -19.20 -18.57
CA ILE A 119 17.18 -20.41 -17.77
C ILE A 119 17.99 -21.46 -18.55
N GLY A 120 18.88 -22.16 -17.85
CA GLY A 120 19.72 -23.16 -18.47
C GLY A 120 18.99 -24.48 -18.70
N ALA A 121 19.55 -25.32 -19.57
CA ALA A 121 18.90 -26.56 -20.01
C ALA A 121 18.74 -27.59 -18.88
N ASP A 122 19.72 -27.62 -17.98
CA ASP A 122 19.70 -28.49 -16.80
C ASP A 122 18.56 -28.13 -15.86
N ASP A 123 18.19 -26.85 -15.88
CA ASP A 123 17.19 -26.30 -14.98
C ASP A 123 15.82 -26.73 -15.45
N ALA A 124 15.07 -27.34 -14.54
CA ALA A 124 13.79 -27.96 -14.87
C ALA A 124 12.65 -26.96 -14.80
N ARG A 125 12.98 -25.68 -14.71
CA ARG A 125 11.95 -24.65 -14.68
C ARG A 125 11.73 -24.09 -16.08
N GLY A 126 12.65 -24.38 -16.99
CA GLY A 126 12.69 -23.79 -18.32
C GLY A 126 11.75 -24.40 -19.36
N TRP A 127 11.58 -23.69 -20.47
CA TRP A 127 10.73 -24.16 -21.56
C TRP A 127 11.22 -23.66 -22.93
N GLU A 128 10.78 -24.34 -23.99
CA GLU A 128 11.10 -23.92 -25.34
C GLU A 128 10.38 -22.62 -25.69
N THR A 129 11.14 -21.71 -26.26
CA THR A 129 10.61 -20.42 -26.67
C THR A 129 10.25 -20.42 -28.16
N ILE A 130 9.39 -19.49 -28.55
CA ILE A 130 8.97 -19.35 -29.95
C ILE A 130 9.17 -17.90 -30.41
N ALA A 131 9.38 -17.72 -31.71
CA ALA A 131 9.66 -16.41 -32.26
C ALA A 131 9.40 -16.45 -33.78
N PRO A 132 9.41 -15.29 -34.43
CA PRO A 132 9.17 -15.32 -35.89
C PRO A 132 10.26 -16.07 -36.64
N SER A 133 11.49 -15.94 -36.13
CA SER A 133 12.69 -16.55 -36.70
C SER A 133 13.58 -17.15 -35.63
N ALA A 134 14.30 -18.21 -36.01
CA ALA A 134 15.17 -18.93 -35.09
C ALA A 134 16.48 -18.18 -34.88
N ILE A 135 16.38 -17.05 -34.17
CA ILE A 135 17.51 -16.17 -33.94
C ILE A 135 17.47 -15.71 -32.49
N ALA A 136 18.60 -15.79 -31.80
CA ALA A 136 18.64 -15.42 -30.39
C ALA A 136 18.82 -13.92 -30.19
N PHE A 137 18.26 -13.40 -29.10
CA PHE A 137 18.52 -12.03 -28.68
C PHE A 137 20.00 -11.83 -28.48
N GLY A 138 20.64 -12.79 -27.83
CA GLY A 138 22.05 -12.69 -27.52
C GLY A 138 22.29 -12.23 -26.10
N ALA A 139 23.53 -11.83 -25.81
CA ALA A 139 23.90 -11.34 -24.48
C ALA A 139 23.43 -12.31 -23.40
N HIS A 140 22.67 -11.81 -22.43
CA HIS A 140 22.20 -12.64 -21.30
C HIS A 140 21.02 -13.53 -21.67
N LEU A 141 20.56 -13.44 -22.93
CA LEU A 141 19.44 -14.24 -23.42
C LEU A 141 19.85 -14.98 -24.72
N PRO A 142 20.75 -15.97 -24.59
CA PRO A 142 21.32 -16.71 -25.73
C PRO A 142 20.45 -17.84 -26.32
N ASN A 143 19.39 -18.25 -25.64
CA ASN A 143 18.59 -19.38 -26.12
C ASN A 143 17.95 -19.09 -27.48
N VAL A 144 18.08 -20.03 -28.41
CA VAL A 144 17.56 -19.84 -29.74
C VAL A 144 16.10 -20.30 -29.76
N PRO A 145 15.19 -19.42 -30.19
CA PRO A 145 13.78 -19.82 -30.23
C PRO A 145 13.43 -20.76 -31.40
N ARG A 146 12.32 -21.46 -31.28
CA ARG A 146 11.73 -22.21 -32.39
C ARG A 146 11.04 -21.20 -33.33
N ALA A 147 11.31 -21.27 -34.64
CA ALA A 147 10.62 -20.40 -35.59
C ALA A 147 9.17 -20.86 -35.76
N MET A 148 8.24 -19.91 -35.63
CA MET A 148 6.82 -20.22 -35.65
C MET A 148 6.36 -20.59 -37.05
N THR A 149 5.46 -21.56 -37.11
CA THR A 149 4.82 -21.94 -38.37
C THR A 149 3.52 -21.16 -38.51
N LEU A 150 2.86 -21.29 -39.65
CA LEU A 150 1.57 -20.65 -39.82
C LEU A 150 0.56 -21.12 -38.79
N ASP A 151 0.63 -22.39 -38.43
CA ASP A 151 -0.24 -22.93 -37.39
C ASP A 151 0.07 -22.24 -36.04
N ASP A 152 1.34 -22.08 -35.73
CA ASP A 152 1.73 -21.38 -34.49
C ASP A 152 1.16 -19.96 -34.49
N ILE A 153 1.34 -19.25 -35.60
CA ILE A 153 0.86 -17.88 -35.69
C ILE A 153 -0.66 -17.87 -35.44
N ALA A 154 -1.41 -18.78 -36.07
CA ALA A 154 -2.85 -18.84 -35.86
C ALA A 154 -3.21 -19.14 -34.39
N ARG A 155 -2.44 -20.04 -33.77
CA ARG A 155 -2.71 -20.46 -32.41
C ARG A 155 -2.48 -19.31 -31.42
N VAL A 156 -1.36 -18.61 -31.58
CA VAL A 156 -1.02 -17.48 -30.71
C VAL A 156 -2.02 -16.36 -30.85
N LYS A 157 -2.44 -16.05 -32.08
CA LYS A 157 -3.47 -15.04 -32.26
C LYS A 157 -4.70 -15.42 -31.48
N GLN A 158 -5.10 -16.69 -31.58
CA GLN A 158 -6.31 -17.15 -30.92
C GLN A 158 -6.11 -17.08 -29.40
N ASP A 159 -4.88 -17.26 -28.93
CA ASP A 159 -4.58 -17.14 -27.49
C ASP A 159 -4.78 -15.68 -27.02
N PHE A 160 -4.40 -14.71 -27.85
CA PHE A 160 -4.68 -13.30 -27.52
C PHE A 160 -6.19 -13.06 -27.49
N VAL A 161 -6.91 -13.62 -28.46
CA VAL A 161 -8.37 -13.44 -28.46
C VAL A 161 -8.96 -14.04 -27.18
N ASP A 162 -8.58 -15.26 -26.84
CA ASP A 162 -9.12 -15.93 -25.65
C ASP A 162 -8.79 -15.12 -24.39
N ALA A 163 -7.56 -14.61 -24.33
CA ALA A 163 -7.12 -13.80 -23.17
C ALA A 163 -7.96 -12.53 -23.05
N ALA A 164 -8.27 -11.90 -24.19
CA ALA A 164 -9.08 -10.69 -24.18
C ALA A 164 -10.51 -10.98 -23.71
N ARG A 165 -11.07 -12.09 -24.16
CA ARG A 165 -12.39 -12.50 -23.71
C ARG A 165 -12.40 -12.74 -22.20
N ARG A 166 -11.37 -13.41 -21.71
CA ARG A 166 -11.26 -13.65 -20.27
C ARG A 166 -11.07 -12.36 -19.47
N ALA A 167 -10.28 -11.42 -19.99
CA ALA A 167 -10.10 -10.12 -19.34
C ALA A 167 -11.44 -9.40 -19.23
N ARG A 168 -12.19 -9.45 -20.33
CA ARG A 168 -13.51 -8.84 -20.35
C ARG A 168 -14.38 -9.40 -19.24
N ASP A 169 -14.43 -10.73 -19.14
CA ASP A 169 -15.30 -11.36 -18.15
C ASP A 169 -14.79 -11.21 -16.70
N ALA A 170 -13.49 -10.97 -16.52
CA ALA A 170 -12.96 -10.65 -15.18
C ALA A 170 -13.34 -9.24 -14.76
N GLY A 171 -13.75 -8.41 -15.72
CA GLY A 171 -14.21 -7.08 -15.41
C GLY A 171 -13.24 -5.95 -15.73
N PHE A 172 -12.13 -6.25 -16.39
CA PHE A 172 -11.23 -5.19 -16.80
C PHE A 172 -11.94 -4.23 -17.77
N GLU A 173 -11.62 -2.95 -17.65
CA GLU A 173 -12.28 -1.89 -18.40
C GLU A 173 -11.38 -1.25 -19.44
N TRP A 174 -10.23 -1.86 -19.66
CA TRP A 174 -9.16 -1.26 -20.44
C TRP A 174 -8.19 -2.39 -20.75
N ILE A 175 -7.86 -2.58 -22.03
CA ILE A 175 -6.91 -3.63 -22.38
C ILE A 175 -5.73 -3.04 -23.14
N GLU A 176 -4.56 -3.64 -22.95
CA GLU A 176 -3.36 -3.20 -23.63
C GLU A 176 -2.66 -4.40 -24.25
N LEU A 177 -2.54 -4.42 -25.59
CA LEU A 177 -1.80 -5.49 -26.26
C LEU A 177 -0.28 -5.18 -26.20
N HIS A 178 0.50 -6.12 -25.68
CA HIS A 178 1.92 -5.87 -25.47
C HIS A 178 2.72 -6.15 -26.75
N PHE A 179 2.90 -5.10 -27.56
CA PHE A 179 3.64 -5.19 -28.83
C PHE A 179 4.96 -4.47 -28.70
N ALA A 180 5.49 -4.41 -27.47
CA ALA A 180 6.73 -3.69 -27.24
C ALA A 180 7.84 -4.52 -26.56
N HIS A 181 8.97 -3.85 -26.33
CA HIS A 181 10.06 -4.35 -25.47
C HIS A 181 10.69 -5.66 -25.93
N GLY A 182 10.61 -5.94 -27.23
CA GLY A 182 11.36 -7.06 -27.78
C GLY A 182 10.72 -8.42 -27.66
N TYR A 183 9.50 -8.46 -27.11
CA TYR A 183 8.73 -9.68 -26.96
C TYR A 183 8.09 -10.02 -28.31
N LEU A 184 7.11 -10.91 -28.33
CA LEU A 184 6.71 -11.59 -29.59
C LEU A 184 6.27 -10.59 -30.66
N GLY A 185 5.34 -9.72 -30.29
CA GLY A 185 4.85 -8.71 -31.22
C GLY A 185 5.90 -7.77 -31.77
N GLN A 186 6.74 -7.21 -30.91
CA GLN A 186 7.80 -6.32 -31.37
C GLN A 186 8.75 -7.04 -32.32
N SER A 187 8.98 -8.33 -32.05
CA SER A 187 9.98 -9.11 -32.80
C SER A 187 9.45 -9.45 -34.20
N PHE A 188 8.12 -9.54 -34.35
CA PHE A 188 7.56 -9.70 -35.71
C PHE A 188 7.76 -8.41 -36.52
N PHE A 189 7.68 -7.25 -35.88
CA PHE A 189 7.83 -5.99 -36.60
C PHE A 189 9.27 -5.72 -37.00
N SER A 190 10.22 -6.07 -36.14
CA SER A 190 11.60 -5.60 -36.34
C SER A 190 12.34 -6.47 -37.34
N GLU A 191 13.06 -5.83 -38.26
CA GLU A 191 13.86 -6.55 -39.25
C GLU A 191 15.03 -7.27 -38.57
N HIS A 192 15.38 -6.82 -37.37
CA HIS A 192 16.47 -7.46 -36.60
C HIS A 192 16.15 -8.92 -36.30
N SER A 193 14.90 -9.19 -35.94
CA SER A 193 14.47 -10.49 -35.43
C SER A 193 13.62 -11.27 -36.41
N ASN A 194 13.05 -10.58 -37.39
CA ASN A 194 12.15 -11.23 -38.33
C ASN A 194 12.85 -11.37 -39.67
N LYS A 195 13.22 -12.61 -40.01
CA LYS A 195 13.81 -12.91 -41.32
C LYS A 195 12.92 -13.83 -42.11
N ARG A 196 11.63 -13.83 -41.83
CA ARG A 196 10.73 -14.75 -42.50
C ARG A 196 10.63 -14.38 -43.98
N THR A 197 10.27 -15.37 -44.78
CA THR A 197 10.13 -15.18 -46.22
C THR A 197 8.71 -15.48 -46.66
N ASP A 198 7.80 -15.64 -45.68
CA ASP A 198 6.41 -15.88 -45.98
C ASP A 198 5.63 -14.59 -45.77
N ALA A 199 4.31 -14.71 -45.60
CA ALA A 199 3.44 -13.54 -45.56
C ALA A 199 3.71 -12.65 -44.33
N TYR A 200 4.53 -13.12 -43.40
CA TYR A 200 4.72 -12.38 -42.14
C TYR A 200 6.12 -11.82 -41.99
N GLY A 201 6.89 -11.81 -43.07
CA GLY A 201 8.20 -11.21 -43.06
C GLY A 201 8.61 -10.59 -44.38
N GLY A 202 9.67 -9.81 -44.35
CA GLY A 202 10.17 -9.12 -45.52
C GLY A 202 9.72 -7.67 -45.56
N SER A 203 8.58 -7.44 -46.20
CA SER A 203 8.08 -6.08 -46.36
C SER A 203 7.48 -5.48 -45.08
N PHE A 204 7.26 -4.17 -45.12
CA PHE A 204 6.54 -3.47 -44.07
C PHE A 204 5.15 -4.04 -43.86
N ASP A 205 4.42 -4.34 -44.94
CA ASP A 205 3.08 -4.90 -44.81
C ASP A 205 3.13 -6.27 -44.14
N ASN A 206 4.14 -7.05 -44.48
CA ASN A 206 4.26 -8.41 -43.99
C ASN A 206 4.66 -8.41 -42.50
N ARG A 207 5.63 -7.57 -42.15
CA ARG A 207 6.14 -7.47 -40.76
C ARG A 207 5.07 -6.90 -39.85
N SER A 208 4.26 -5.99 -40.38
CA SER A 208 3.12 -5.44 -39.67
C SER A 208 1.99 -6.44 -39.47
N ARG A 209 1.97 -7.50 -40.27
CA ARG A 209 0.78 -8.35 -40.41
C ARG A 209 0.38 -9.05 -39.10
N PHE A 210 1.35 -9.64 -38.40
CA PHE A 210 1.02 -10.28 -37.14
C PHE A 210 0.36 -9.30 -36.16
N LEU A 211 0.87 -8.08 -36.10
CA LEU A 211 0.35 -7.10 -35.15
C LEU A 211 -1.06 -6.67 -35.55
N LEU A 212 -1.24 -6.32 -36.83
CA LEU A 212 -2.58 -5.95 -37.30
C LEU A 212 -3.60 -7.07 -37.24
N GLU A 213 -3.21 -8.31 -37.54
CA GLU A 213 -4.15 -9.42 -37.47
C GLU A 213 -4.54 -9.71 -36.03
N THR A 214 -3.59 -9.58 -35.12
CA THR A 214 -3.89 -9.85 -33.72
C THR A 214 -4.85 -8.76 -33.20
N LEU A 215 -4.56 -7.49 -33.51
CA LEU A 215 -5.44 -6.39 -33.11
C LEU A 215 -6.86 -6.63 -33.64
N ALA A 216 -7.00 -6.95 -34.92
CA ALA A 216 -8.34 -7.19 -35.47
C ALA A 216 -9.04 -8.39 -34.87
N ALA A 217 -8.30 -9.44 -34.54
CA ALA A 217 -8.93 -10.62 -33.94
C ALA A 217 -9.46 -10.30 -32.54
N VAL A 218 -8.67 -9.53 -31.79
CA VAL A 218 -9.05 -9.15 -30.42
C VAL A 218 -10.25 -8.21 -30.48
N ARG A 219 -10.26 -7.35 -31.49
CA ARG A 219 -11.31 -6.34 -31.64
C ARG A 219 -12.69 -7.02 -31.77
N GLU A 220 -12.70 -8.25 -32.24
CA GLU A 220 -13.97 -8.99 -32.40
C GLU A 220 -14.61 -9.42 -31.07
N VAL A 221 -13.82 -9.61 -30.01
CA VAL A 221 -14.38 -10.00 -28.71
C VAL A 221 -14.31 -8.92 -27.64
N TRP A 222 -13.36 -7.99 -27.78
CA TRP A 222 -13.23 -6.91 -26.79
C TRP A 222 -14.36 -5.90 -26.98
N PRO A 223 -15.05 -5.50 -25.88
CA PRO A 223 -16.20 -4.60 -26.03
C PRO A 223 -15.87 -3.28 -26.74
N GLU A 224 -16.76 -2.87 -27.64
CA GLU A 224 -16.53 -1.67 -28.43
C GLU A 224 -16.52 -0.42 -27.57
N ASN A 225 -17.12 -0.49 -26.40
CA ASN A 225 -17.29 0.69 -25.57
C ASN A 225 -16.17 0.84 -24.50
N LEU A 226 -15.17 -0.03 -24.56
CA LEU A 226 -14.06 0.00 -23.61
C LEU A 226 -12.78 0.22 -24.38
N PRO A 227 -11.88 1.07 -23.87
CA PRO A 227 -10.65 1.33 -24.64
C PRO A 227 -9.83 0.08 -25.00
N LEU A 228 -9.46 0.04 -26.27
CA LEU A 228 -8.60 -0.98 -26.86
C LEU A 228 -7.27 -0.31 -27.19
N THR A 229 -6.21 -0.66 -26.47
CA THR A 229 -4.94 0.04 -26.59
C THR A 229 -3.83 -0.97 -26.83
N ALA A 230 -2.64 -0.47 -27.13
CA ALA A 230 -1.48 -1.32 -27.32
C ALA A 230 -0.23 -0.54 -26.92
N ARG A 231 0.81 -1.28 -26.54
CA ARG A 231 2.12 -0.71 -26.29
C ARG A 231 3.04 -1.17 -27.40
N PHE A 232 3.81 -0.23 -27.95
CA PHE A 232 4.64 -0.50 -29.12
C PHE A 232 5.92 0.30 -29.02
N GLY A 233 7.05 -0.35 -29.29
CA GLY A 233 8.34 0.32 -29.32
C GLY A 233 8.58 0.94 -30.69
N VAL A 234 8.63 2.27 -30.73
CA VAL A 234 8.61 2.97 -32.01
C VAL A 234 10.02 3.26 -32.56
N LEU A 235 11.05 2.99 -31.75
CA LEU A 235 12.44 3.08 -32.22
C LEU A 235 13.33 2.23 -31.29
N GLU A 236 14.56 1.95 -31.73
CA GLU A 236 15.48 1.06 -31.02
C GLU A 236 16.74 1.75 -30.51
N TYR A 237 17.02 2.95 -31.02
CA TYR A 237 18.33 3.59 -30.80
C TYR A 237 19.46 2.67 -31.27
N ASP A 238 19.26 2.12 -32.47
CA ASP A 238 20.14 1.15 -33.11
C ASP A 238 20.83 1.73 -34.37
N GLY A 239 20.87 3.05 -34.48
CA GLY A 239 21.45 3.70 -35.64
C GLY A 239 20.50 3.84 -36.83
N ARG A 240 19.30 3.25 -36.71
CA ARG A 240 18.29 3.26 -37.77
C ARG A 240 17.03 4.02 -37.35
N ASP A 241 17.17 5.01 -36.48
CA ASP A 241 16.02 5.65 -35.81
C ASP A 241 15.10 6.42 -36.77
N GLU A 242 15.68 7.11 -37.74
CA GLU A 242 14.87 7.94 -38.63
C GLU A 242 13.87 7.10 -39.42
N GLN A 243 14.37 6.05 -40.08
CA GLN A 243 13.54 5.17 -40.88
C GLN A 243 12.63 4.32 -39.98
N THR A 244 13.16 3.89 -38.83
CA THR A 244 12.37 3.00 -37.97
C THR A 244 11.17 3.75 -37.42
N LEU A 245 11.40 4.99 -37.03
CA LEU A 245 10.35 5.80 -36.46
C LEU A 245 9.27 6.14 -37.50
N GLU A 246 9.69 6.38 -38.74
CA GLU A 246 8.73 6.60 -39.82
C GLU A 246 7.84 5.39 -40.02
N GLU A 247 8.45 4.21 -40.03
CA GLU A 247 7.69 2.98 -40.17
C GLU A 247 6.73 2.81 -38.98
N SER A 248 7.24 3.06 -37.77
CA SER A 248 6.44 2.88 -36.57
C SER A 248 5.20 3.76 -36.55
N ILE A 249 5.37 5.01 -36.96
CA ILE A 249 4.29 5.97 -37.00
C ILE A 249 3.26 5.59 -38.07
N GLU A 250 3.73 5.08 -39.22
CA GLU A 250 2.79 4.55 -40.20
C GLU A 250 2.01 3.36 -39.63
N LEU A 251 2.64 2.52 -38.81
CA LEU A 251 1.91 1.39 -38.26
C LEU A 251 0.87 1.93 -37.28
N ALA A 252 1.22 2.99 -36.54
CA ALA A 252 0.27 3.62 -35.64
C ALA A 252 -0.94 4.15 -36.40
N ARG A 253 -0.74 4.69 -37.61
CA ARG A 253 -1.89 5.09 -38.41
C ARG A 253 -2.79 3.89 -38.75
N ARG A 254 -2.18 2.75 -39.04
CA ARG A 254 -2.94 1.55 -39.34
C ARG A 254 -3.64 0.98 -38.09
N PHE A 255 -2.99 1.08 -36.94
CA PHE A 255 -3.63 0.73 -35.68
C PHE A 255 -4.91 1.55 -35.51
N LYS A 256 -4.80 2.86 -35.75
CA LYS A 256 -5.96 3.75 -35.61
C LYS A 256 -7.08 3.34 -36.57
N ALA A 257 -6.72 3.05 -37.82
CA ALA A 257 -7.70 2.63 -38.81
C ALA A 257 -8.29 1.27 -38.45
N GLY A 258 -7.57 0.52 -37.61
CA GLY A 258 -8.05 -0.76 -37.11
C GLY A 258 -8.72 -0.70 -35.74
N GLY A 259 -9.06 0.50 -35.28
CA GLY A 259 -9.86 0.65 -34.09
C GLY A 259 -9.10 0.87 -32.77
N LEU A 260 -7.79 1.07 -32.84
CA LEU A 260 -7.01 1.34 -31.61
C LEU A 260 -7.43 2.69 -31.04
N ASP A 261 -7.67 2.74 -29.73
CA ASP A 261 -8.12 3.98 -29.10
C ASP A 261 -6.97 4.83 -28.54
N LEU A 262 -5.87 4.19 -28.17
CA LEU A 262 -4.72 4.88 -27.58
C LEU A 262 -3.48 4.02 -27.73
N LEU A 263 -2.34 4.67 -27.96
CA LEU A 263 -1.08 3.97 -28.10
C LEU A 263 -0.13 4.35 -26.95
N SER A 264 0.37 3.34 -26.25
CA SER A 264 1.41 3.55 -25.27
C SER A 264 2.75 3.47 -26.01
N VAL A 265 3.45 4.59 -26.08
CA VAL A 265 4.66 4.73 -26.90
C VAL A 265 5.89 4.35 -26.10
N SER A 266 6.65 3.36 -26.58
CA SER A 266 7.84 2.92 -25.83
C SER A 266 9.02 2.69 -26.77
N VAL A 267 10.03 2.00 -26.24
CA VAL A 267 11.27 1.72 -26.94
C VAL A 267 11.25 0.25 -27.30
N GLY A 268 11.86 -0.12 -28.41
CA GLY A 268 11.78 -1.49 -28.89
C GLY A 268 12.46 -2.57 -28.04
N PHE A 269 13.68 -2.29 -27.58
CA PHE A 269 14.50 -3.29 -26.87
C PHE A 269 14.59 -4.63 -27.62
N THR A 270 14.63 -4.60 -28.95
CA THR A 270 14.58 -5.87 -29.71
C THR A 270 15.92 -6.61 -29.70
N ILE A 271 17.01 -5.84 -29.64
CA ILE A 271 18.38 -6.35 -29.62
C ILE A 271 19.20 -5.60 -28.57
N PRO A 272 20.27 -6.23 -28.08
CA PRO A 272 21.08 -5.59 -27.04
C PRO A 272 22.04 -4.53 -27.57
N GLU A 273 22.34 -4.55 -28.87
CA GLU A 273 23.33 -3.63 -29.44
C GLU A 273 22.75 -2.27 -29.78
N THR A 274 22.50 -1.48 -28.73
CA THR A 274 21.83 -0.20 -28.85
C THR A 274 22.46 0.85 -27.95
N ASN A 275 22.07 2.10 -28.14
CA ASN A 275 22.53 3.16 -27.27
C ASN A 275 21.38 4.05 -26.86
N ILE A 276 20.56 3.58 -25.92
CA ILE A 276 19.40 4.33 -25.48
C ILE A 276 19.80 5.52 -24.60
N PRO A 277 19.36 6.74 -24.97
CA PRO A 277 19.74 7.94 -24.21
C PRO A 277 18.81 8.20 -23.03
N TRP A 278 18.86 7.29 -22.05
CA TRP A 278 18.09 7.39 -20.83
C TRP A 278 18.20 8.77 -20.21
N GLY A 279 17.07 9.33 -19.80
CA GLY A 279 17.07 10.61 -19.11
C GLY A 279 15.65 11.00 -18.75
N PRO A 280 15.51 12.05 -17.92
CA PRO A 280 14.20 12.51 -17.49
C PRO A 280 13.31 12.88 -18.66
N ALA A 281 12.20 12.18 -18.77
CA ALA A 281 11.18 12.47 -19.78
C ALA A 281 11.70 12.42 -21.22
N PHE A 282 12.69 11.57 -21.49
CA PHE A 282 13.34 11.59 -22.80
C PHE A 282 12.39 11.12 -23.91
N MET A 283 11.35 10.39 -23.55
CA MET A 283 10.37 9.92 -24.55
C MET A 283 9.33 10.97 -24.94
N GLY A 284 9.31 12.09 -24.22
CA GLY A 284 8.28 13.08 -24.40
C GLY A 284 8.17 13.54 -25.85
N PRO A 285 9.30 13.95 -26.44
CA PRO A 285 9.21 14.47 -27.81
C PRO A 285 8.90 13.38 -28.86
N ILE A 286 9.26 12.13 -28.56
CA ILE A 286 8.94 10.99 -29.40
C ILE A 286 7.42 10.74 -29.39
N ALA A 287 6.85 10.64 -28.19
CA ALA A 287 5.41 10.46 -28.04
C ALA A 287 4.65 11.60 -28.72
N GLU A 288 5.18 12.82 -28.60
CA GLU A 288 4.52 13.97 -29.19
C GLU A 288 4.42 13.82 -30.70
N ARG A 289 5.50 13.33 -31.28
CA ARG A 289 5.53 13.18 -32.73
C ARG A 289 4.55 12.11 -33.17
N VAL A 290 4.54 10.97 -32.45
CA VAL A 290 3.56 9.91 -32.75
C VAL A 290 2.14 10.45 -32.63
N ARG A 291 1.88 11.17 -31.54
CA ARG A 291 0.54 11.69 -31.28
C ARG A 291 0.07 12.58 -32.43
N ARG A 292 0.94 13.51 -32.81
CA ARG A 292 0.60 14.53 -33.81
C ARG A 292 0.53 13.96 -35.22
N GLU A 293 1.47 13.08 -35.55
CA GLU A 293 1.53 12.55 -36.91
C GLU A 293 0.59 11.38 -37.16
N ALA A 294 0.36 10.53 -36.15
CA ALA A 294 -0.60 9.42 -36.31
C ALA A 294 -2.01 9.84 -35.86
N LYS A 295 -2.12 11.01 -35.25
CA LYS A 295 -3.39 11.57 -34.79
C LYS A 295 -4.20 10.64 -33.89
N LEU A 296 -3.54 10.20 -32.82
CA LEU A 296 -4.04 9.18 -31.91
C LEU A 296 -3.63 9.58 -30.49
N PRO A 297 -4.50 9.36 -29.49
CA PRO A 297 -4.06 9.61 -28.12
C PRO A 297 -2.89 8.71 -27.73
N VAL A 298 -2.00 9.21 -26.87
CA VAL A 298 -0.83 8.44 -26.44
C VAL A 298 -0.54 8.60 -24.95
N THR A 299 0.15 7.61 -24.41
CA THR A 299 0.81 7.75 -23.14
C THR A 299 2.26 7.34 -23.36
N SER A 300 3.12 7.74 -22.43
CA SER A 300 4.47 7.19 -22.40
C SER A 300 4.98 7.20 -20.96
N ALA A 301 6.18 6.68 -20.77
CA ALA A 301 6.79 6.50 -19.46
C ALA A 301 8.30 6.74 -19.56
N TRP A 302 8.91 6.63 -18.38
N TRP A 302 9.05 6.28 -18.56
CA TRP A 302 10.35 6.77 -18.05
CA TRP A 302 10.51 6.28 -18.62
C TRP A 302 10.73 8.11 -17.41
C TRP A 302 11.01 7.66 -18.24
N GLY A 303 10.86 8.09 -16.09
N GLY A 303 10.77 8.05 -16.99
CA GLY A 303 11.35 9.23 -15.35
CA GLY A 303 11.26 9.29 -16.43
C GLY A 303 10.33 10.32 -15.11
C GLY A 303 10.25 10.41 -16.21
N PHE A 304 9.10 10.11 -15.58
CA PHE A 304 8.05 11.10 -15.32
C PHE A 304 7.58 11.16 -13.88
N GLY A 305 8.28 10.45 -12.98
CA GLY A 305 7.95 10.43 -11.56
C GLY A 305 8.27 11.71 -10.81
N THR A 306 8.56 12.76 -11.56
CA THR A 306 8.70 14.08 -10.98
C THR A 306 7.39 14.76 -11.34
N PRO A 307 6.66 15.26 -10.34
CA PRO A 307 5.35 15.81 -10.70
C PRO A 307 5.43 16.94 -11.73
N GLN A 308 6.46 17.78 -11.64
CA GLN A 308 6.60 18.82 -12.64
C GLN A 308 6.84 18.30 -14.06
N LEU A 309 7.57 17.20 -14.23
CA LEU A 309 7.81 16.65 -15.57
C LEU A 309 6.50 16.12 -16.17
N ALA A 310 5.68 15.47 -15.34
CA ALA A 310 4.38 14.98 -15.79
C ALA A 310 3.47 16.12 -16.24
N GLU A 311 3.38 17.16 -15.41
CA GLU A 311 2.54 18.29 -15.72
C GLU A 311 2.99 18.97 -17.02
N ALA A 312 4.30 19.15 -17.16
CA ALA A 312 4.88 19.78 -18.33
C ALA A 312 4.54 19.02 -19.62
N ALA A 313 4.65 17.70 -19.59
CA ALA A 313 4.38 16.89 -20.77
C ALA A 313 2.93 17.02 -21.23
N LEU A 314 1.99 17.08 -20.28
CA LEU A 314 0.58 17.31 -20.59
C LEU A 314 0.31 18.70 -21.16
N GLN A 315 0.89 19.73 -20.53
CA GLN A 315 0.65 21.10 -20.97
C GLN A 315 1.22 21.31 -22.38
N ALA A 316 2.30 20.59 -22.72
CA ALA A 316 2.90 20.67 -24.03
C ALA A 316 2.19 19.79 -25.07
N ASN A 317 1.11 19.10 -24.66
CA ASN A 317 0.37 18.18 -25.54
C ASN A 317 1.27 17.11 -26.16
N GLN A 318 2.24 16.64 -25.39
CA GLN A 318 3.07 15.51 -25.78
C GLN A 318 2.39 14.20 -25.49
N LEU A 319 1.54 14.22 -24.46
CA LEU A 319 0.91 13.02 -23.89
C LEU A 319 -0.54 13.34 -23.57
N ASP A 320 -1.42 12.32 -23.58
CA ASP A 320 -2.76 12.47 -22.99
C ASP A 320 -2.82 11.93 -21.54
N LEU A 321 -2.08 10.86 -21.29
CA LEU A 321 -1.89 10.30 -19.94
C LEU A 321 -0.41 10.19 -19.68
N VAL A 322 -0.02 10.43 -18.44
CA VAL A 322 1.36 10.21 -18.02
C VAL A 322 1.47 8.92 -17.22
N SER A 323 2.35 8.02 -17.65
CA SER A 323 2.54 6.73 -16.96
C SER A 323 3.73 6.86 -16.03
N VAL A 324 3.46 6.57 -14.76
CA VAL A 324 4.42 6.68 -13.67
C VAL A 324 4.56 5.33 -12.99
N GLY A 325 5.70 4.68 -13.20
CA GLY A 325 5.91 3.33 -12.74
C GLY A 325 6.68 3.20 -11.44
N ARG A 326 8.01 3.30 -11.53
CA ARG A 326 8.87 3.04 -10.36
C ARG A 326 8.55 3.93 -9.16
N ALA A 327 8.11 5.16 -9.39
CA ALA A 327 7.76 6.03 -8.27
C ALA A 327 6.60 5.46 -7.45
N HIS A 328 5.76 4.63 -8.07
CA HIS A 328 4.63 4.00 -7.38
C HIS A 328 5.06 2.73 -6.63
N LEU A 329 6.17 2.12 -7.07
CA LEU A 329 6.77 1.03 -6.32
C LEU A 329 7.35 1.63 -5.05
N ALA A 330 8.00 2.78 -5.16
CA ALA A 330 8.59 3.45 -4.02
C ALA A 330 7.53 3.97 -3.05
N ASP A 331 6.48 4.56 -3.60
CA ASP A 331 5.41 5.16 -2.83
C ASP A 331 4.07 4.89 -3.51
N PRO A 332 3.29 3.93 -2.99
CA PRO A 332 2.04 3.57 -3.66
C PRO A 332 1.03 4.71 -3.66
N HIS A 333 1.25 5.74 -2.84
CA HIS A 333 0.42 6.94 -2.83
C HIS A 333 1.07 8.10 -3.60
N TRP A 334 1.88 7.79 -4.59
CA TRP A 334 2.54 8.85 -5.36
C TRP A 334 1.58 9.90 -5.94
N ALA A 335 0.38 9.50 -6.37
CA ALA A 335 -0.55 10.48 -6.92
C ALA A 335 -0.90 11.58 -5.92
N TYR A 336 -1.08 11.22 -4.64
CA TYR A 336 -1.24 12.22 -3.56
C TYR A 336 -0.03 13.15 -3.43
N PHE A 337 1.17 12.56 -3.45
CA PHE A 337 2.40 13.34 -3.44
C PHE A 337 2.39 14.32 -4.60
N ALA A 338 1.98 13.86 -5.78
CA ALA A 338 1.98 14.75 -6.95
C ALA A 338 0.97 15.89 -6.77
N ALA A 339 -0.18 15.57 -6.20
CA ALA A 339 -1.23 16.57 -6.01
C ALA A 339 -0.73 17.65 -5.04
N LYS A 340 -0.05 17.23 -3.98
CA LYS A 340 0.55 18.17 -3.03
C LYS A 340 1.60 19.06 -3.69
N GLU A 341 2.50 18.42 -4.43
CA GLU A 341 3.60 19.10 -5.08
C GLU A 341 3.13 20.09 -6.16
N LEU A 342 1.99 19.82 -6.80
CA LEU A 342 1.48 20.72 -7.83
C LEU A 342 0.43 21.69 -7.29
N GLY A 343 0.19 21.65 -5.98
CA GLY A 343 -0.66 22.63 -5.33
C GLY A 343 -2.14 22.46 -5.56
N VAL A 344 -2.55 21.23 -5.82
CA VAL A 344 -3.95 20.90 -5.99
C VAL A 344 -4.71 21.25 -4.73
N GLU A 345 -5.92 21.78 -4.90
CA GLU A 345 -6.75 22.16 -3.79
C GLU A 345 -7.31 20.90 -3.15
N LYS A 346 -7.25 20.84 -1.83
CA LYS A 346 -7.68 19.64 -1.11
C LYS A 346 -6.93 18.43 -1.66
N ALA A 347 -5.62 18.57 -1.78
CA ALA A 347 -4.77 17.52 -2.32
C ALA A 347 -4.92 16.21 -1.55
N SER A 348 -5.12 16.29 -0.23
CA SER A 348 -5.16 15.04 0.53
C SER A 348 -6.36 14.18 0.17
N TRP A 349 -7.42 14.79 -0.38
CA TRP A 349 -8.61 14.03 -0.79
C TRP A 349 -8.42 13.35 -2.16
N THR A 350 -7.19 13.36 -2.63
CA THR A 350 -6.72 12.41 -3.62
C THR A 350 -6.83 10.99 -3.05
N LEU A 351 -6.69 10.90 -1.74
CA LEU A 351 -6.73 9.62 -1.01
C LEU A 351 -8.12 9.39 -0.42
N PRO A 352 -8.43 8.14 -0.01
CA PRO A 352 -9.70 7.87 0.68
C PRO A 352 -9.77 8.58 2.03
N ALA A 353 -10.99 8.84 2.49
CA ALA A 353 -11.26 9.56 3.72
C ALA A 353 -10.38 9.19 4.95
N PRO A 354 -10.15 7.88 5.21
CA PRO A 354 -9.43 7.58 6.45
C PRO A 354 -7.97 8.07 6.45
N TYR A 355 -7.47 8.46 5.28
CA TYR A 355 -6.16 9.11 5.17
C TYR A 355 -6.35 10.63 5.00
N ALA A 356 -7.23 10.99 4.08
CA ALA A 356 -7.39 12.37 3.65
C ALA A 356 -7.76 13.32 4.78
N HIS A 357 -8.65 12.87 5.66
CA HIS A 357 -9.10 13.72 6.76
C HIS A 357 -7.93 14.21 7.59
N TRP A 358 -6.98 13.31 7.82
CA TRP A 358 -5.90 13.57 8.75
C TRP A 358 -4.73 14.28 8.10
N LEU A 359 -4.63 14.21 6.79
CA LEU A 359 -3.49 14.79 6.11
C LEU A 359 -3.77 16.19 5.58
N GLU A 360 -5.00 16.69 5.67
CA GLU A 360 -5.26 18.09 5.25
C GLU A 360 -4.99 19.09 6.37
N SER B 2 19.73 4.90 11.00
CA SER B 2 20.80 3.97 11.36
C SER B 2 20.64 3.37 12.74
N ALA B 3 20.73 4.18 13.82
CA ALA B 3 20.14 3.72 15.07
C ALA B 3 18.69 3.32 14.76
N LEU B 4 18.06 4.04 13.82
CA LEU B 4 16.69 3.76 13.42
C LEU B 4 16.57 2.38 12.83
N PHE B 5 17.65 1.87 12.21
CA PHE B 5 17.57 0.57 11.57
C PHE B 5 18.33 -0.55 12.31
N GLU B 6 18.58 -0.33 13.60
CA GLU B 6 19.05 -1.39 14.48
C GLU B 6 17.88 -2.25 14.93
N PRO B 7 18.05 -3.58 14.96
CA PRO B 7 17.00 -4.44 15.53
C PRO B 7 16.77 -4.20 17.02
N TYR B 8 15.62 -4.69 17.48
CA TYR B 8 15.23 -4.57 18.87
C TYR B 8 14.61 -5.87 19.31
N THR B 9 15.07 -6.38 20.44
CA THR B 9 14.53 -7.59 21.02
C THR B 9 13.90 -7.34 22.37
N LEU B 10 12.68 -7.83 22.50
CA LEU B 10 11.93 -7.71 23.75
C LEU B 10 11.19 -9.02 23.97
N LYS B 11 11.44 -9.65 25.12
CA LYS B 11 11.03 -11.04 25.36
C LYS B 11 11.45 -11.87 24.15
N ASP B 12 10.54 -12.66 23.56
CA ASP B 12 10.92 -13.55 22.45
C ASP B 12 10.77 -12.90 21.06
N VAL B 13 10.39 -11.62 21.02
CA VAL B 13 10.11 -10.91 19.77
C VAL B 13 11.32 -10.08 19.34
N THR B 14 11.72 -10.21 18.08
CA THR B 14 12.76 -9.35 17.50
C THR B 14 12.17 -8.52 16.35
N LEU B 15 12.28 -7.20 16.49
CA LEU B 15 11.90 -6.25 15.45
C LEU B 15 13.09 -5.97 14.56
N ARG B 16 12.87 -5.90 13.25
CA ARG B 16 13.98 -5.75 12.33
C ARG B 16 14.57 -4.33 12.32
N ASN B 17 13.84 -3.36 12.88
CA ASN B 17 14.36 -1.99 13.03
C ASN B 17 13.58 -1.31 14.16
N ARG B 18 13.81 -0.02 14.37
CA ARG B 18 13.20 0.68 15.50
C ARG B 18 11.96 1.48 15.10
N ILE B 19 11.46 1.24 13.88
CA ILE B 19 10.27 1.95 13.40
C ILE B 19 9.03 1.16 13.79
N ALA B 20 8.16 1.80 14.55
CA ALA B 20 6.88 1.23 14.93
C ALA B 20 5.79 2.07 14.28
N ILE B 21 4.79 1.40 13.72
CA ILE B 21 3.58 2.08 13.31
C ILE B 21 2.59 2.03 14.46
N PRO B 22 2.24 3.20 15.02
CA PRO B 22 1.33 3.18 16.16
C PRO B 22 -0.08 2.89 15.75
N PRO B 23 -0.94 2.55 16.72
CA PRO B 23 -2.34 2.32 16.37
C PRO B 23 -2.97 3.56 15.75
N MET B 24 -3.64 3.39 14.59
CA MET B 24 -4.41 4.47 14.00
C MET B 24 -5.77 3.98 13.52
N CYS B 25 -6.81 4.35 14.24
CA CYS B 25 -8.20 4.10 13.88
C CYS B 25 -8.48 4.44 12.42
N GLN B 26 -9.17 3.53 11.76
CA GLN B 26 -9.54 3.69 10.34
C GLN B 26 -11.01 4.06 10.14
N TYR B 27 -11.81 3.81 11.18
CA TYR B 27 -13.25 4.05 11.17
C TYR B 27 -13.98 3.40 9.97
N MET B 28 -13.50 2.25 9.54
CA MET B 28 -14.04 1.57 8.36
C MET B 28 -14.68 0.22 8.67
N ALA B 29 -14.75 -0.17 9.95
CA ALA B 29 -15.37 -1.45 10.29
C ALA B 29 -16.90 -1.32 10.38
N GLU B 30 -17.59 -2.43 10.32
CA GLU B 30 -19.03 -2.47 10.43
C GLU B 30 -19.37 -3.47 11.52
N ASP B 31 -20.08 -3.03 12.55
CA ASP B 31 -20.43 -3.87 13.71
C ASP B 31 -19.16 -4.47 14.31
N GLY B 32 -18.08 -3.68 14.28
CA GLY B 32 -16.79 -4.09 14.79
C GLY B 32 -15.97 -5.01 13.92
N LEU B 33 -16.51 -5.47 12.78
CA LEU B 33 -15.80 -6.44 11.95
C LEU B 33 -14.89 -5.72 10.97
N ILE B 34 -13.62 -6.07 10.96
CA ILE B 34 -12.75 -5.48 9.95
C ILE B 34 -13.00 -6.16 8.61
N ASN B 35 -12.43 -5.56 7.57
CA ASN B 35 -12.76 -5.97 6.20
C ASN B 35 -11.62 -5.68 5.21
N ASP B 36 -11.91 -5.67 3.91
CA ASP B 36 -10.86 -5.45 2.92
C ASP B 36 -10.14 -4.09 3.09
N TRP B 37 -10.81 -3.10 3.65
CA TRP B 37 -10.11 -1.83 3.90
C TRP B 37 -8.86 -2.14 4.73
N HIS B 38 -9.07 -2.78 5.89
CA HIS B 38 -8.01 -3.03 6.83
C HIS B 38 -6.98 -3.98 6.28
N GLN B 39 -7.43 -5.00 5.55
CA GLN B 39 -6.53 -6.04 5.09
C GLN B 39 -5.41 -5.42 4.24
N VAL B 40 -5.78 -4.60 3.26
CA VAL B 40 -4.81 -3.97 2.37
C VAL B 40 -4.00 -2.90 3.09
N HIS B 41 -4.70 -2.09 3.89
CA HIS B 41 -4.08 -0.99 4.66
C HIS B 41 -2.89 -1.50 5.47
N TYR B 42 -3.15 -2.54 6.26
CA TYR B 42 -2.13 -3.05 7.14
C TYR B 42 -1.07 -3.84 6.38
N ALA B 43 -1.47 -4.65 5.40
CA ALA B 43 -0.48 -5.41 4.65
C ALA B 43 0.49 -4.46 3.90
N SER B 44 -0.02 -3.38 3.32
CA SER B 44 0.83 -2.49 2.53
C SER B 44 1.83 -1.77 3.43
N MET B 45 1.38 -1.29 4.58
CA MET B 45 2.32 -0.61 5.53
C MET B 45 3.40 -1.58 6.04
N ALA B 46 3.01 -2.84 6.31
CA ALA B 46 3.99 -3.82 6.77
C ALA B 46 5.05 -4.09 5.70
N ARG B 47 4.63 -4.17 4.43
CA ARG B 47 5.60 -4.37 3.36
C ARG B 47 6.52 -3.17 3.16
N GLY B 48 6.09 -2.02 3.64
CA GLY B 48 6.84 -0.78 3.56
C GLY B 48 8.09 -0.76 4.43
N GLY B 49 8.16 -1.65 5.41
CA GLY B 49 9.41 -1.92 6.09
C GLY B 49 9.43 -1.72 7.59
N ALA B 50 8.39 -1.12 8.16
CA ALA B 50 8.39 -0.95 9.62
C ALA B 50 8.58 -2.28 10.34
N GLY B 51 9.33 -2.26 11.44
CA GLY B 51 9.57 -3.44 12.24
C GLY B 51 8.37 -3.95 13.05
N LEU B 52 7.49 -3.04 13.44
CA LEU B 52 6.35 -3.31 14.30
C LEU B 52 5.15 -2.55 13.78
N LEU B 53 4.02 -3.22 13.67
CA LEU B 53 2.76 -2.59 13.27
C LEU B 53 1.69 -2.88 14.31
N VAL B 54 1.33 -1.87 15.09
CA VAL B 54 0.30 -2.01 16.11
C VAL B 54 -1.04 -1.63 15.49
N VAL B 55 -1.92 -2.62 15.39
CA VAL B 55 -3.27 -2.42 14.86
C VAL B 55 -4.01 -1.44 15.76
N GLU B 56 -4.84 -0.63 15.11
CA GLU B 56 -5.68 0.40 15.70
C GLU B 56 -6.46 -0.04 16.93
N ALA B 57 -6.85 0.96 17.72
CA ALA B 57 -7.70 0.77 18.91
C ALA B 57 -8.90 -0.11 18.57
N THR B 58 -8.93 -1.27 19.22
CA THR B 58 -9.92 -2.30 18.95
C THR B 58 -10.74 -2.54 20.21
N ALA B 59 -12.04 -2.28 20.12
CA ALA B 59 -12.90 -2.23 21.28
C ALA B 59 -13.11 -3.60 21.90
N VAL B 60 -12.98 -3.64 23.22
CA VAL B 60 -13.20 -4.87 23.96
C VAL B 60 -14.70 -5.16 24.16
N ALA B 61 -15.55 -4.19 23.85
CA ALA B 61 -17.00 -4.30 24.01
C ALA B 61 -17.66 -3.32 23.08
N PRO B 62 -18.92 -3.58 22.67
CA PRO B 62 -19.51 -2.71 21.65
C PRO B 62 -19.59 -1.26 22.07
N GLU B 63 -19.93 -0.99 23.33
CA GLU B 63 -20.11 0.37 23.83
C GLU B 63 -18.77 1.07 24.04
N GLY B 64 -17.69 0.32 23.90
CA GLY B 64 -16.35 0.86 24.04
C GLY B 64 -15.70 1.29 22.74
N ARG B 65 -16.42 1.13 21.63
CA ARG B 65 -16.03 1.76 20.36
C ARG B 65 -16.10 3.28 20.50
N ILE B 66 -15.23 3.99 19.78
CA ILE B 66 -15.37 5.45 19.72
C ILE B 66 -16.57 5.76 18.85
N THR B 67 -16.65 5.08 17.71
CA THR B 67 -17.58 5.37 16.61
C THR B 67 -18.25 4.11 16.05
N PRO B 68 -19.29 4.28 15.21
CA PRO B 68 -19.84 3.09 14.56
C PRO B 68 -18.90 2.42 13.55
N GLY B 69 -17.76 3.04 13.23
CA GLY B 69 -16.80 2.42 12.33
C GLY B 69 -15.61 1.77 13.01
N CYS B 70 -15.59 1.73 14.34
CA CYS B 70 -14.42 1.21 15.03
C CYS B 70 -14.38 -0.30 15.00
N ALA B 71 -13.17 -0.83 14.93
CA ALA B 71 -12.95 -2.26 15.03
C ALA B 71 -13.26 -2.76 16.45
N GLY B 72 -13.60 -4.03 16.52
CA GLY B 72 -13.93 -4.67 17.79
C GLY B 72 -13.35 -6.06 17.87
N ILE B 73 -13.16 -6.57 19.10
CA ILE B 73 -12.71 -7.94 19.27
C ILE B 73 -13.49 -8.64 20.40
N TRP B 74 -14.78 -8.36 20.45
CA TRP B 74 -15.60 -8.76 21.61
C TRP B 74 -16.34 -10.10 21.39
N SER B 75 -15.95 -10.82 20.36
CA SER B 75 -16.46 -12.17 20.08
C SER B 75 -15.37 -12.92 19.33
N ASP B 76 -15.50 -14.24 19.30
CA ASP B 76 -14.53 -15.04 18.59
C ASP B 76 -14.63 -14.81 17.06
N ALA B 77 -15.82 -14.49 16.53
CA ALA B 77 -15.95 -14.14 15.13
C ALA B 77 -15.15 -12.87 14.80
N HIS B 78 -15.18 -11.92 15.72
CA HIS B 78 -14.42 -10.67 15.53
C HIS B 78 -12.94 -10.98 15.48
N ALA B 79 -12.51 -11.89 16.35
CA ALA B 79 -11.08 -12.24 16.44
C ALA B 79 -10.61 -12.96 15.18
N GLN B 80 -11.46 -13.84 14.65
CA GLN B 80 -11.12 -14.57 13.45
C GLN B 80 -10.88 -13.63 12.26
N ALA B 81 -11.60 -12.51 12.23
CA ALA B 81 -11.40 -11.54 11.14
C ALA B 81 -9.98 -10.94 11.14
N PHE B 82 -9.31 -10.96 12.28
CA PHE B 82 -7.95 -10.42 12.36
C PHE B 82 -6.89 -11.40 11.89
N VAL B 83 -7.21 -12.68 11.82
CA VAL B 83 -6.19 -13.70 11.47
C VAL B 83 -5.45 -13.38 10.14
N PRO B 84 -6.17 -13.05 9.06
CA PRO B 84 -5.49 -12.71 7.80
C PRO B 84 -4.64 -11.42 7.86
N VAL B 85 -5.01 -10.49 8.74
CA VAL B 85 -4.19 -9.30 8.98
C VAL B 85 -2.89 -9.71 9.67
N VAL B 86 -3.00 -10.48 10.74
CA VAL B 86 -1.81 -11.01 11.40
C VAL B 86 -0.90 -11.72 10.40
N GLN B 87 -1.48 -12.59 9.58
CA GLN B 87 -0.70 -13.38 8.64
C GLN B 87 0.01 -12.50 7.62
N ALA B 88 -0.66 -11.45 7.15
CA ALA B 88 -0.08 -10.56 6.14
C ALA B 88 1.05 -9.70 6.72
N ILE B 89 0.91 -9.31 7.98
CA ILE B 89 1.93 -8.49 8.62
C ILE B 89 3.20 -9.35 8.81
N LYS B 90 3.01 -10.57 9.33
CA LYS B 90 4.12 -11.50 9.48
C LYS B 90 4.77 -11.85 8.16
N ALA B 91 3.96 -12.13 7.14
CA ALA B 91 4.53 -12.48 5.84
C ALA B 91 5.42 -11.37 5.29
N ALA B 92 5.14 -10.13 5.67
CA ALA B 92 5.94 -8.99 5.21
C ALA B 92 7.22 -8.79 6.02
N GLY B 93 7.42 -9.61 7.07
CA GLY B 93 8.61 -9.48 7.89
C GLY B 93 8.46 -8.54 9.07
N SER B 94 7.27 -8.01 9.26
CA SER B 94 6.98 -7.11 10.38
C SER B 94 6.37 -7.91 11.54
N VAL B 95 6.26 -7.30 12.70
CA VAL B 95 5.69 -7.96 13.88
C VAL B 95 4.29 -7.41 14.09
N PRO B 96 3.28 -8.29 14.19
CA PRO B 96 1.92 -7.80 14.39
C PRO B 96 1.55 -7.55 15.86
N GLY B 97 1.10 -6.33 16.13
CA GLY B 97 0.60 -5.97 17.45
C GLY B 97 -0.83 -5.48 17.33
N ILE B 98 -1.48 -5.36 18.48
CA ILE B 98 -2.81 -4.79 18.56
C ILE B 98 -3.03 -4.01 19.85
N GLN B 99 -3.74 -2.89 19.72
CA GLN B 99 -4.19 -2.09 20.84
C GLN B 99 -5.64 -2.41 21.17
N ILE B 100 -5.90 -2.87 22.41
CA ILE B 100 -7.25 -3.16 22.85
C ILE B 100 -7.70 -2.03 23.76
N ALA B 101 -8.97 -1.66 23.62
CA ALA B 101 -9.41 -0.34 24.02
C ALA B 101 -10.84 -0.29 24.50
N HIS B 102 -11.14 0.77 25.23
CA HIS B 102 -12.51 1.09 25.59
C HIS B 102 -12.62 2.61 25.66
N ALA B 103 -13.49 3.21 24.85
CA ALA B 103 -13.52 4.67 24.70
C ALA B 103 -14.18 5.44 25.86
N GLY B 104 -14.79 4.75 26.83
CA GLY B 104 -15.34 5.43 27.98
C GLY B 104 -16.27 6.56 27.57
N ARG B 105 -16.08 7.73 28.16
CA ARG B 105 -17.04 8.80 27.92
C ARG B 105 -16.90 9.44 26.53
N LYS B 106 -15.82 9.15 25.82
CA LYS B 106 -15.64 9.66 24.44
C LYS B 106 -16.30 8.77 23.39
N ALA B 107 -16.98 7.73 23.83
CA ALA B 107 -17.65 6.80 22.95
C ALA B 107 -18.93 7.38 22.35
N SER B 108 -19.49 6.65 21.38
CA SER B 108 -20.72 7.02 20.69
C SER B 108 -20.55 8.36 19.97
N ALA B 109 -19.47 8.46 19.21
CA ALA B 109 -19.18 9.67 18.41
C ALA B 109 -19.23 9.40 16.92
N ASN B 110 -19.42 10.46 16.15
CA ASN B 110 -19.35 10.36 14.70
C ASN B 110 -17.94 10.13 14.23
N ARG B 111 -17.78 9.53 13.05
CA ARG B 111 -16.49 9.45 12.39
C ARG B 111 -15.92 10.88 12.20
N PRO B 112 -14.58 11.02 12.18
CA PRO B 112 -14.00 12.37 12.21
C PRO B 112 -14.38 13.26 11.02
N TRP B 113 -14.61 12.66 9.87
CA TRP B 113 -14.99 13.42 8.67
C TRP B 113 -16.51 13.51 8.54
N GLU B 114 -17.22 13.04 9.58
CA GLU B 114 -18.67 13.10 9.61
C GLU B 114 -19.12 13.88 10.86
N GLY B 115 -18.30 14.84 11.25
CA GLY B 115 -18.63 15.77 12.32
C GLY B 115 -17.74 15.67 13.55
N ASP B 116 -17.28 14.45 13.81
CA ASP B 116 -16.33 14.18 14.88
C ASP B 116 -16.88 14.44 16.27
N ASP B 117 -18.19 14.60 16.38
CA ASP B 117 -18.83 14.99 17.62
C ASP B 117 -19.71 13.86 18.16
N HIS B 118 -20.18 14.03 19.39
CA HIS B 118 -21.10 13.04 19.94
C HIS B 118 -22.37 12.91 19.11
N ILE B 119 -22.74 11.66 18.89
CA ILE B 119 -23.99 11.33 18.24
C ILE B 119 -25.11 11.84 19.13
N GLY B 120 -26.07 12.54 18.56
CA GLY B 120 -27.21 13.03 19.31
C GLY B 120 -28.15 11.92 19.77
N ALA B 121 -29.06 12.27 20.68
CA ALA B 121 -29.93 11.27 21.32
C ALA B 121 -31.00 10.70 20.39
N ASP B 122 -31.35 11.44 19.34
CA ASP B 122 -32.40 11.02 18.40
C ASP B 122 -31.85 10.17 17.25
N ASP B 123 -30.52 10.17 17.12
CA ASP B 123 -29.84 9.37 16.10
C ASP B 123 -29.69 7.93 16.64
N ALA B 124 -30.28 6.99 15.93
CA ALA B 124 -30.39 5.62 16.41
C ALA B 124 -29.08 4.88 16.35
N ARG B 125 -28.04 5.53 15.82
CA ARG B 125 -26.73 4.92 15.74
C ARG B 125 -26.00 5.03 17.08
N GLY B 126 -26.52 5.86 17.97
CA GLY B 126 -25.84 6.16 19.23
C GLY B 126 -26.09 5.15 20.34
N TRP B 127 -25.32 5.30 21.41
CA TRP B 127 -25.47 4.46 22.60
C TRP B 127 -25.04 5.21 23.86
N GLU B 128 -25.57 4.75 25.00
CA GLU B 128 -25.19 5.25 26.30
C GLU B 128 -23.74 4.90 26.54
N THR B 129 -23.02 5.88 27.06
CA THR B 129 -21.62 5.69 27.40
C THR B 129 -21.40 5.46 28.90
N ILE B 130 -20.26 4.87 29.24
CA ILE B 130 -19.92 4.60 30.64
C ILE B 130 -18.55 5.21 31.01
N ALA B 131 -18.37 5.54 32.27
CA ALA B 131 -17.15 6.20 32.73
C ALA B 131 -17.08 6.07 34.26
N PRO B 132 -15.94 6.46 34.87
CA PRO B 132 -15.85 6.35 36.34
C PRO B 132 -16.92 7.18 37.03
N SER B 133 -17.23 8.35 36.46
CA SER B 133 -18.17 9.29 37.07
C SER B 133 -19.01 9.93 35.97
N ALA B 134 -20.19 10.37 36.35
CA ALA B 134 -21.16 10.95 35.43
C ALA B 134 -20.82 12.42 35.14
N ILE B 135 -19.73 12.62 34.37
CA ILE B 135 -19.22 13.94 34.03
C ILE B 135 -18.87 13.96 32.55
N ALA B 136 -19.37 14.94 31.80
CA ALA B 136 -19.02 15.02 30.38
C ALA B 136 -17.61 15.59 30.15
N PHE B 137 -17.02 15.17 29.03
CA PHE B 137 -15.77 15.74 28.53
C PHE B 137 -15.99 17.23 28.25
N GLY B 138 -17.10 17.53 27.59
CA GLY B 138 -17.45 18.90 27.24
C GLY B 138 -17.18 19.18 25.77
N ALA B 139 -17.10 20.45 25.41
CA ALA B 139 -16.87 20.83 24.00
C ALA B 139 -17.76 20.02 23.01
N HIS B 140 -17.12 19.35 22.05
CA HIS B 140 -17.82 18.61 20.99
C HIS B 140 -18.28 17.21 21.45
N LEU B 141 -17.99 16.89 22.70
CA LEU B 141 -18.38 15.62 23.35
C LEU B 141 -19.17 15.90 24.63
N PRO B 142 -20.37 16.51 24.52
CA PRO B 142 -21.15 16.90 25.68
C PRO B 142 -21.96 15.77 26.38
N ASN B 143 -22.12 14.61 25.76
CA ASN B 143 -22.93 13.53 26.38
C ASN B 143 -22.39 13.10 27.74
N VAL B 144 -23.26 13.09 28.75
CA VAL B 144 -22.86 12.70 30.08
C VAL B 144 -22.90 11.16 30.18
N PRO B 145 -21.77 10.54 30.55
CA PRO B 145 -21.77 9.08 30.71
C PRO B 145 -22.49 8.65 31.98
N ARG B 146 -22.88 7.39 32.05
CA ARG B 146 -23.33 6.88 33.35
C ARG B 146 -22.12 6.37 34.13
N ALA B 147 -22.15 6.63 35.43
CA ALA B 147 -21.12 6.16 36.34
C ALA B 147 -21.17 4.65 36.47
N MET B 148 -20.02 4.02 36.33
CA MET B 148 -19.95 2.57 36.36
C MET B 148 -20.24 1.99 37.74
N THR B 149 -20.98 0.89 37.73
CA THR B 149 -21.15 0.08 38.94
C THR B 149 -19.95 -0.81 39.19
N LEU B 150 -19.90 -1.43 40.37
CA LEU B 150 -18.83 -2.39 40.62
C LEU B 150 -18.92 -3.55 39.65
N ASP B 151 -20.13 -3.99 39.32
CA ASP B 151 -20.28 -5.07 38.34
C ASP B 151 -19.80 -4.62 36.96
N ASP B 152 -20.04 -3.36 36.61
CA ASP B 152 -19.51 -2.81 35.34
C ASP B 152 -18.00 -2.91 35.28
N ILE B 153 -17.36 -2.55 36.39
CA ILE B 153 -15.91 -2.59 36.47
C ILE B 153 -15.41 -4.03 36.31
N ALA B 154 -16.04 -4.99 36.97
CA ALA B 154 -15.65 -6.40 36.81
C ALA B 154 -15.86 -6.90 35.36
N ARG B 155 -16.97 -6.51 34.76
CA ARG B 155 -17.29 -6.93 33.40
C ARG B 155 -16.30 -6.37 32.38
N VAL B 156 -15.95 -5.09 32.53
CA VAL B 156 -15.02 -4.47 31.58
C VAL B 156 -13.62 -5.05 31.74
N LYS B 157 -13.19 -5.28 32.97
CA LYS B 157 -11.89 -5.94 33.16
C LYS B 157 -11.88 -7.27 32.44
N GLN B 158 -12.94 -8.03 32.61
CA GLN B 158 -13.03 -9.34 31.97
C GLN B 158 -13.09 -9.23 30.44
N ASP B 159 -13.74 -8.19 29.93
CA ASP B 159 -13.71 -7.92 28.48
C ASP B 159 -12.28 -7.68 27.98
N PHE B 160 -11.48 -6.93 28.75
CA PHE B 160 -10.06 -6.76 28.38
C PHE B 160 -9.36 -8.11 28.39
N VAL B 161 -9.63 -8.93 29.40
CA VAL B 161 -9.03 -10.27 29.43
C VAL B 161 -9.43 -11.09 28.20
N ASP B 162 -10.72 -11.09 27.89
CA ASP B 162 -11.26 -11.85 26.76
C ASP B 162 -10.61 -11.35 25.47
N ALA B 163 -10.47 -10.03 25.36
CA ALA B 163 -9.85 -9.44 24.17
C ALA B 163 -8.39 -9.87 24.02
N ALA B 164 -7.64 -9.90 25.13
CA ALA B 164 -6.24 -10.30 25.08
C ALA B 164 -6.12 -11.78 24.70
N ARG B 165 -7.00 -12.59 25.28
CA ARG B 165 -7.08 -14.04 24.97
C ARG B 165 -7.31 -14.24 23.47
N ARG B 166 -8.26 -13.51 22.93
CA ARG B 166 -8.57 -13.61 21.50
C ARG B 166 -7.43 -13.12 20.64
N ALA B 167 -6.76 -12.04 21.07
CA ALA B 167 -5.68 -11.46 20.29
C ALA B 167 -4.54 -12.47 20.24
N ARG B 168 -4.30 -13.10 21.38
CA ARG B 168 -3.30 -14.16 21.48
C ARG B 168 -3.61 -15.29 20.51
N ASP B 169 -4.83 -15.78 20.54
CA ASP B 169 -5.20 -16.93 19.73
C ASP B 169 -5.24 -16.57 18.26
N ALA B 170 -5.42 -15.28 17.92
CA ALA B 170 -5.40 -14.87 16.52
C ALA B 170 -3.97 -14.72 16.01
N GLY B 171 -3.00 -14.78 16.90
CA GLY B 171 -1.61 -14.79 16.48
C GLY B 171 -0.85 -13.49 16.68
N PHE B 172 -1.46 -12.50 17.31
CA PHE B 172 -0.70 -11.28 17.60
C PHE B 172 0.48 -11.58 18.54
N GLU B 173 1.59 -10.86 18.34
CA GLU B 173 2.84 -11.11 19.07
C GLU B 173 3.21 -9.97 20.00
N TRP B 174 2.26 -9.04 20.18
CA TRP B 174 2.54 -7.79 20.85
C TRP B 174 1.20 -7.23 21.20
N ILE B 175 0.97 -6.86 22.44
CA ILE B 175 -0.31 -6.28 22.84
C ILE B 175 -0.12 -4.96 23.53
N GLU B 176 -1.07 -4.04 23.33
CA GLU B 176 -0.97 -2.70 23.93
C GLU B 176 -2.32 -2.36 24.57
N LEU B 177 -2.33 -2.18 25.88
CA LEU B 177 -3.54 -1.76 26.58
C LEU B 177 -3.69 -0.26 26.39
N HIS B 178 -4.88 0.19 25.97
CA HIS B 178 -5.15 1.62 25.72
C HIS B 178 -5.62 2.36 26.98
N PHE B 179 -4.64 2.84 27.74
CA PHE B 179 -4.89 3.60 28.96
C PHE B 179 -4.59 5.09 28.73
N ALA B 180 -4.69 5.54 27.48
CA ALA B 180 -4.38 6.94 27.15
C ALA B 180 -5.55 7.69 26.50
N HIS B 181 -5.29 8.96 26.21
CA HIS B 181 -6.11 9.80 25.32
C HIS B 181 -7.54 10.03 25.80
N GLY B 182 -7.75 9.96 27.11
CA GLY B 182 -9.00 10.40 27.68
C GLY B 182 -10.09 9.35 27.67
N TYR B 183 -9.74 8.16 27.19
CA TYR B 183 -10.70 7.07 27.14
C TYR B 183 -10.80 6.41 28.52
N LEU B 184 -11.39 5.22 28.59
CA LEU B 184 -11.83 4.74 29.89
C LEU B 184 -10.69 4.66 30.91
N GLY B 185 -9.59 3.96 30.59
CA GLY B 185 -8.49 3.82 31.52
C GLY B 185 -7.88 5.15 31.98
N GLN B 186 -7.56 6.01 31.02
CA GLN B 186 -7.05 7.34 31.38
C GLN B 186 -8.01 8.06 32.32
N SER B 187 -9.30 7.92 32.06
CA SER B 187 -10.28 8.66 32.85
C SER B 187 -10.43 8.12 34.27
N PHE B 188 -10.07 6.86 34.52
CA PHE B 188 -10.01 6.37 35.90
C PHE B 188 -8.82 6.99 36.64
N PHE B 189 -7.70 7.18 35.95
CA PHE B 189 -6.53 7.71 36.60
C PHE B 189 -6.66 9.20 36.93
N SER B 190 -7.34 9.95 36.07
CA SER B 190 -7.34 11.42 36.21
C SER B 190 -8.36 11.96 37.22
N GLU B 191 -7.91 12.87 38.09
CA GLU B 191 -8.80 13.51 39.04
C GLU B 191 -9.84 14.39 38.37
N HIS B 192 -9.58 14.81 37.12
CA HIS B 192 -10.57 15.59 36.37
C HIS B 192 -11.85 14.80 36.12
N SER B 193 -11.72 13.51 35.87
CA SER B 193 -12.83 12.71 35.38
C SER B 193 -13.33 11.69 36.41
N ASN B 194 -12.46 11.33 37.34
CA ASN B 194 -12.78 10.38 38.41
C ASN B 194 -13.05 11.06 39.72
N LYS B 195 -14.33 11.18 40.06
CA LYS B 195 -14.77 11.69 41.36
C LYS B 195 -15.40 10.60 42.24
N ARG B 196 -15.02 9.33 42.00
CA ARG B 196 -15.59 8.23 42.75
C ARG B 196 -15.15 8.27 44.23
N THR B 197 -16.00 7.73 45.09
CA THR B 197 -15.68 7.63 46.52
C THR B 197 -15.57 6.19 47.04
N ASP B 198 -15.57 5.22 46.15
CA ASP B 198 -15.31 3.84 46.49
C ASP B 198 -13.83 3.51 46.28
N ALA B 199 -13.53 2.23 46.16
CA ALA B 199 -12.18 1.74 46.04
C ALA B 199 -11.48 2.17 44.75
N TYR B 200 -12.25 2.73 43.81
CA TYR B 200 -11.67 3.07 42.48
C TYR B 200 -11.50 4.55 42.24
N GLY B 201 -11.64 5.36 43.29
CA GLY B 201 -11.39 6.79 43.19
C GLY B 201 -10.94 7.40 44.50
N GLY B 202 -10.51 8.65 44.42
CA GLY B 202 -9.96 9.37 45.56
C GLY B 202 -8.46 9.39 45.51
N SER B 203 -7.87 8.46 46.23
CA SER B 203 -6.44 8.41 46.41
C SER B 203 -5.75 8.00 45.14
N PHE B 204 -4.43 8.22 45.10
CA PHE B 204 -3.59 7.70 44.03
C PHE B 204 -3.73 6.18 43.89
N ASP B 205 -3.70 5.43 44.99
CA ASP B 205 -3.87 3.97 44.90
C ASP B 205 -5.20 3.61 44.28
N ASN B 206 -6.24 4.36 44.66
CA ASN B 206 -7.58 4.03 44.22
C ASN B 206 -7.76 4.37 42.73
N ARG B 207 -7.21 5.51 42.32
CA ARG B 207 -7.31 5.94 40.91
C ARG B 207 -6.51 5.03 39.99
N SER B 208 -5.40 4.50 40.53
CA SER B 208 -4.58 3.54 39.82
C SER B 208 -5.19 2.14 39.71
N ARG B 209 -6.09 1.81 40.63
CA ARG B 209 -6.57 0.44 40.81
C ARG B 209 -7.15 -0.19 39.52
N PHE B 210 -8.01 0.53 38.81
CA PHE B 210 -8.64 -0.06 37.61
C PHE B 210 -7.56 -0.46 36.61
N LEU B 211 -6.58 0.41 36.44
CA LEU B 211 -5.52 0.19 35.47
C LEU B 211 -4.62 -0.96 35.93
N LEU B 212 -4.23 -0.98 37.20
CA LEU B 212 -3.37 -2.07 37.67
C LEU B 212 -4.08 -3.44 37.70
N GLU B 213 -5.36 -3.46 38.08
CA GLU B 213 -6.12 -4.72 38.13
C GLU B 213 -6.34 -5.27 36.72
N THR B 214 -6.53 -4.37 35.75
CA THR B 214 -6.76 -4.77 34.36
C THR B 214 -5.46 -5.35 33.81
N LEU B 215 -4.34 -4.67 34.09
CA LEU B 215 -3.04 -5.19 33.69
C LEU B 215 -2.79 -6.58 34.30
N ALA B 216 -3.04 -6.75 35.59
CA ALA B 216 -2.80 -8.04 36.23
C ALA B 216 -3.72 -9.13 35.65
N ALA B 217 -4.98 -8.79 35.37
CA ALA B 217 -5.91 -9.78 34.82
C ALA B 217 -5.49 -10.21 33.42
N VAL B 218 -5.08 -9.25 32.60
CA VAL B 218 -4.59 -9.55 31.26
C VAL B 218 -3.32 -10.38 31.32
N ARG B 219 -2.47 -10.09 32.31
CA ARG B 219 -1.18 -10.76 32.40
C ARG B 219 -1.38 -12.27 32.57
N GLU B 220 -2.51 -12.66 33.15
CA GLU B 220 -2.79 -14.08 33.40
C GLU B 220 -3.02 -14.85 32.12
N VAL B 221 -3.51 -14.19 31.07
CA VAL B 221 -3.79 -14.88 29.81
C VAL B 221 -2.78 -14.56 28.72
N TRP B 222 -2.08 -13.43 28.85
CA TRP B 222 -1.18 -13.04 27.78
C TRP B 222 0.15 -13.77 27.98
N PRO B 223 0.68 -14.41 26.92
CA PRO B 223 1.92 -15.19 27.12
C PRO B 223 3.07 -14.38 27.69
N GLU B 224 3.81 -14.99 28.61
CA GLU B 224 4.95 -14.36 29.25
C GLU B 224 6.07 -14.04 28.26
N ASN B 225 6.13 -14.75 27.13
CA ASN B 225 7.23 -14.57 26.20
C ASN B 225 6.92 -13.57 25.08
N LEU B 226 5.76 -12.91 25.16
CA LEU B 226 5.40 -11.89 24.18
C LEU B 226 5.24 -10.54 24.90
N PRO B 227 5.72 -9.45 24.29
CA PRO B 227 5.64 -8.13 24.95
C PRO B 227 4.22 -7.74 25.37
N LEU B 228 4.11 -7.33 26.64
CA LEU B 228 2.89 -6.83 27.26
C LEU B 228 3.09 -5.35 27.49
N THR B 229 2.39 -4.51 26.73
CA THR B 229 2.67 -3.07 26.75
C THR B 229 1.38 -2.31 27.02
N ALA B 230 1.55 -1.01 27.27
CA ALA B 230 0.40 -0.13 27.45
C ALA B 230 0.73 1.26 26.91
N ARG B 231 -0.32 2.01 26.54
CA ARG B 231 -0.18 3.42 26.19
C ARG B 231 -0.85 4.21 27.30
N PHE B 232 -0.19 5.29 27.73
CA PHE B 232 -0.65 6.05 28.90
C PHE B 232 -0.29 7.52 28.74
N GLY B 233 -1.25 8.38 29.00
CA GLY B 233 -1.00 9.82 28.92
C GLY B 233 -0.43 10.30 30.25
N VAL B 234 0.82 10.72 30.23
CA VAL B 234 1.57 10.97 31.48
C VAL B 234 1.44 12.43 31.95
N LEU B 235 0.90 13.30 31.10
CA LEU B 235 0.54 14.66 31.51
C LEU B 235 -0.57 15.21 30.62
N GLU B 236 -1.20 16.29 31.07
CA GLU B 236 -2.35 16.87 30.40
C GLU B 236 -2.08 18.25 29.77
N TYR B 237 -1.03 18.92 30.20
CA TYR B 237 -0.82 20.34 29.90
C TYR B 237 -2.02 21.17 30.36
N ASP B 238 -2.39 20.93 31.61
CA ASP B 238 -3.53 21.57 32.26
C ASP B 238 -3.11 22.43 33.44
N GLY B 239 -1.83 22.80 33.51
CA GLY B 239 -1.30 23.59 34.60
C GLY B 239 -1.01 22.78 35.85
N ARG B 240 -1.12 21.46 35.73
CA ARG B 240 -0.83 20.56 36.83
C ARG B 240 0.26 19.54 36.46
N ASP B 241 1.14 19.91 35.54
CA ASP B 241 2.05 18.94 34.92
C ASP B 241 3.10 18.37 35.86
N GLU B 242 3.68 19.19 36.73
CA GLU B 242 4.71 18.70 37.63
C GLU B 242 4.20 17.55 38.51
N GLN B 243 3.04 17.75 39.14
CA GLN B 243 2.47 16.75 40.03
C GLN B 243 1.91 15.57 39.22
N THR B 244 1.35 15.85 38.06
CA THR B 244 0.71 14.82 37.24
C THR B 244 1.79 13.90 36.69
N LEU B 245 2.86 14.50 36.18
CA LEU B 245 3.98 13.71 35.69
C LEU B 245 4.61 12.85 36.79
N GLU B 246 4.78 13.40 37.99
CA GLU B 246 5.34 12.60 39.09
C GLU B 246 4.48 11.38 39.42
N GLU B 247 3.16 11.57 39.50
CA GLU B 247 2.25 10.47 39.73
C GLU B 247 2.24 9.46 38.58
N SER B 248 2.30 9.97 37.36
CA SER B 248 2.28 9.08 36.18
C SER B 248 3.51 8.18 36.18
N ILE B 249 4.64 8.76 36.57
CA ILE B 249 5.88 7.99 36.59
C ILE B 249 5.84 6.95 37.70
N GLU B 250 5.22 7.27 38.84
CA GLU B 250 5.09 6.28 39.91
C GLU B 250 4.15 5.15 39.45
N LEU B 251 3.11 5.49 38.72
CA LEU B 251 2.23 4.46 38.16
C LEU B 251 3.01 3.58 37.17
N ALA B 252 3.85 4.21 36.34
CA ALA B 252 4.71 3.46 35.42
C ALA B 252 5.62 2.48 36.18
N ARG B 253 6.16 2.88 37.33
CA ARG B 253 6.89 1.92 38.17
C ARG B 253 6.04 0.73 38.62
N ARG B 254 4.78 0.99 38.93
CA ARG B 254 3.90 -0.08 39.37
C ARG B 254 3.50 -0.99 38.21
N PHE B 255 3.37 -0.42 37.01
CA PHE B 255 3.19 -1.22 35.79
C PHE B 255 4.39 -2.14 35.61
N LYS B 256 5.59 -1.61 35.78
CA LYS B 256 6.78 -2.44 35.61
C LYS B 256 6.77 -3.62 36.62
N ALA B 257 6.44 -3.30 37.87
CA ALA B 257 6.36 -4.33 38.91
C ALA B 257 5.29 -5.37 38.58
N GLY B 258 4.30 -4.95 37.80
CA GLY B 258 3.21 -5.81 37.34
C GLY B 258 3.46 -6.48 35.99
N GLY B 259 4.69 -6.45 35.50
CA GLY B 259 5.02 -7.20 34.30
C GLY B 259 4.94 -6.46 32.98
N LEU B 260 4.72 -5.15 33.02
CA LEU B 260 4.74 -4.36 31.77
C LEU B 260 6.14 -4.34 31.16
N ASP B 261 6.23 -4.62 29.85
CA ASP B 261 7.52 -4.70 29.16
C ASP B 261 7.95 -3.40 28.48
N LEU B 262 6.99 -2.56 28.16
CA LEU B 262 7.26 -1.31 27.41
C LEU B 262 6.07 -0.40 27.57
N LEU B 263 6.36 0.88 27.69
CA LEU B 263 5.33 1.89 27.81
C LEU B 263 5.32 2.83 26.62
N SER B 264 4.15 2.98 25.99
CA SER B 264 3.98 4.01 24.95
C SER B 264 3.52 5.29 25.63
N VAL B 265 4.40 6.30 25.60
CA VAL B 265 4.21 7.54 26.36
C VAL B 265 3.45 8.55 25.51
N SER B 266 2.34 9.05 26.03
CA SER B 266 1.53 9.98 25.29
C SER B 266 0.96 11.07 26.22
N VAL B 267 -0.05 11.75 25.71
CA VAL B 267 -0.71 12.85 26.38
C VAL B 267 -2.07 12.39 26.83
N GLY B 268 -2.55 12.93 27.94
CA GLY B 268 -3.82 12.47 28.49
C GLY B 268 -5.06 12.78 27.68
N PHE B 269 -5.17 14.00 27.17
CA PHE B 269 -6.38 14.44 26.46
C PHE B 269 -7.65 14.17 27.28
N THR B 270 -7.57 14.25 28.61
CA THR B 270 -8.73 13.90 29.45
C THR B 270 -9.84 14.95 29.44
N ILE B 271 -9.45 16.21 29.35
CA ILE B 271 -10.36 17.35 29.27
C ILE B 271 -9.93 18.29 28.14
N PRO B 272 -10.85 19.14 27.65
CA PRO B 272 -10.51 20.03 26.54
C PRO B 272 -9.79 21.32 26.96
N GLU B 273 -9.84 21.64 28.25
CA GLU B 273 -9.26 22.88 28.78
C GLU B 273 -7.77 22.76 29.02
N THR B 274 -7.01 22.67 27.93
CA THR B 274 -5.58 22.44 28.01
C THR B 274 -4.80 23.30 27.01
N ASN B 275 -3.49 23.29 27.14
CA ASN B 275 -2.62 24.07 26.26
C ASN B 275 -1.43 23.24 25.87
N ILE B 276 -1.66 22.32 24.93
CA ILE B 276 -0.66 21.36 24.52
C ILE B 276 0.33 22.04 23.56
N PRO B 277 1.63 22.01 23.87
CA PRO B 277 2.62 22.69 23.03
C PRO B 277 3.07 21.86 21.83
N TRP B 278 2.15 21.62 20.90
CA TRP B 278 2.44 20.83 19.71
C TRP B 278 3.70 21.31 18.98
N GLY B 279 4.56 20.38 18.59
CA GLY B 279 5.69 20.70 17.76
C GLY B 279 6.48 19.45 17.46
N PRO B 280 7.48 19.56 16.60
CA PRO B 280 8.26 18.40 16.16
C PRO B 280 8.92 17.70 17.34
N ALA B 281 8.63 16.42 17.55
CA ALA B 281 9.28 15.64 18.60
C ALA B 281 9.11 16.20 20.01
N PHE B 282 8.02 16.90 20.27
CA PHE B 282 7.90 17.60 21.55
C PHE B 282 7.76 16.62 22.72
N MET B 283 7.40 15.37 22.44
CA MET B 283 7.29 14.37 23.52
C MET B 283 8.61 13.73 23.88
N GLY B 284 9.65 13.99 23.08
CA GLY B 284 10.94 13.34 23.31
C GLY B 284 11.50 13.48 24.72
N PRO B 285 11.50 14.69 25.25
CA PRO B 285 12.08 14.86 26.59
C PRO B 285 11.23 14.25 27.70
N ILE B 286 9.93 14.21 27.50
CA ILE B 286 8.98 13.64 28.44
C ILE B 286 9.20 12.11 28.46
N ALA B 287 9.23 11.50 27.28
CA ALA B 287 9.43 10.05 27.17
C ALA B 287 10.77 9.66 27.79
N GLU B 288 11.79 10.50 27.58
CA GLU B 288 13.11 10.25 28.14
C GLU B 288 13.07 10.20 29.66
N ARG B 289 12.33 11.13 30.25
CA ARG B 289 12.21 11.18 31.70
C ARG B 289 11.48 9.94 32.23
N VAL B 290 10.40 9.52 31.56
CA VAL B 290 9.68 8.33 32.00
C VAL B 290 10.59 7.13 31.90
N ARG B 291 11.27 7.01 30.77
CA ARG B 291 12.19 5.90 30.52
C ARG B 291 13.24 5.78 31.61
N ARG B 292 13.86 6.91 31.93
CA ARG B 292 14.96 6.95 32.89
C ARG B 292 14.48 6.74 34.34
N GLU B 293 13.39 7.40 34.71
CA GLU B 293 12.93 7.36 36.10
C GLU B 293 12.11 6.14 36.45
N ALA B 294 11.38 5.58 35.48
CA ALA B 294 10.64 4.36 35.73
C ALA B 294 11.40 3.12 35.27
N LYS B 295 12.50 3.32 34.57
CA LYS B 295 13.36 2.22 34.13
C LYS B 295 12.63 1.19 33.27
N LEU B 296 11.86 1.72 32.32
CA LEU B 296 11.05 0.94 31.40
C LEU B 296 11.41 1.36 29.98
N PRO B 297 11.49 0.40 29.04
CA PRO B 297 11.61 0.83 27.63
C PRO B 297 10.38 1.63 27.21
N VAL B 298 10.55 2.55 26.25
CA VAL B 298 9.44 3.41 25.87
C VAL B 298 9.39 3.62 24.37
N THR B 299 8.20 3.95 23.90
CA THR B 299 8.07 4.59 22.58
C THR B 299 7.25 5.86 22.76
N SER B 300 7.27 6.73 21.75
CA SER B 300 6.36 7.87 21.71
C SER B 300 6.14 8.29 20.25
N ALA B 301 5.31 9.32 20.06
CA ALA B 301 4.86 9.74 18.75
C ALA B 301 4.64 11.25 18.77
N TRP B 302 4.24 11.73 17.59
N TRP B 302 3.95 11.78 17.78
CA TRP B 302 3.95 13.11 17.21
CA TRP B 302 3.47 13.17 17.79
C TRP B 302 5.12 13.79 16.50
C TRP B 302 4.58 14.08 17.30
N GLY B 303 5.01 13.88 15.18
N GLY B 303 5.03 13.84 16.06
CA GLY B 303 5.94 14.65 14.39
CA GLY B 303 6.01 14.70 15.42
C GLY B 303 7.28 13.98 14.18
C GLY B 303 7.40 14.11 15.20
N PHE B 304 7.48 12.82 14.80
CA PHE B 304 8.75 12.11 14.60
C PHE B 304 8.90 11.60 13.16
N GLY B 305 7.95 11.91 12.27
CA GLY B 305 7.98 11.46 10.89
C GLY B 305 8.97 12.15 9.95
N THR B 306 9.94 12.80 10.53
CA THR B 306 11.10 13.29 9.79
C THR B 306 12.19 12.29 10.15
N PRO B 307 12.85 11.67 9.16
CA PRO B 307 13.82 10.65 9.54
C PRO B 307 14.92 11.13 10.52
N GLN B 308 15.36 12.37 10.38
CA GLN B 308 16.39 12.88 11.28
C GLN B 308 15.87 13.03 12.72
N LEU B 309 14.60 13.41 12.90
CA LEU B 309 14.05 13.53 14.24
C LEU B 309 13.97 12.16 14.94
N ALA B 310 13.58 11.14 14.17
CA ALA B 310 13.52 9.78 14.68
C ALA B 310 14.90 9.29 15.12
N GLU B 311 15.88 9.46 14.23
CA GLU B 311 17.26 9.03 14.48
C GLU B 311 17.81 9.74 15.71
N ALA B 312 17.63 11.05 15.76
CA ALA B 312 18.08 11.85 16.90
C ALA B 312 17.51 11.37 18.24
N ALA B 313 16.23 11.01 18.26
CA ALA B 313 15.58 10.59 19.51
C ALA B 313 16.20 9.29 20.03
N LEU B 314 16.50 8.37 19.11
CA LEU B 314 17.13 7.11 19.50
C LEU B 314 18.57 7.30 20.00
N GLN B 315 19.33 8.13 19.30
CA GLN B 315 20.73 8.32 19.68
C GLN B 315 20.83 9.00 21.04
N ALA B 316 19.87 9.87 21.36
CA ALA B 316 19.80 10.54 22.66
C ALA B 316 19.21 9.66 23.76
N ASN B 317 18.95 8.40 23.44
CA ASN B 317 18.29 7.48 24.35
C ASN B 317 17.04 8.07 24.99
N GLN B 318 16.26 8.76 24.19
CA GLN B 318 14.96 9.24 24.64
C GLN B 318 13.90 8.17 24.46
N LEU B 319 14.09 7.34 23.43
CA LEU B 319 13.11 6.30 23.01
C LEU B 319 13.85 5.01 22.72
N ASP B 320 13.16 3.87 22.85
CA ASP B 320 13.68 2.61 22.33
C ASP B 320 13.14 2.30 20.92
N LEU B 321 11.89 2.71 20.69
CA LEU B 321 11.24 2.62 19.37
C LEU B 321 10.63 3.96 19.05
N VAL B 322 10.64 4.33 17.77
CA VAL B 322 10.02 5.56 17.32
C VAL B 322 8.73 5.21 16.60
N SER B 323 7.62 5.74 17.10
CA SER B 323 6.33 5.54 16.45
C SER B 323 6.08 6.63 15.43
N VAL B 324 5.77 6.21 14.19
CA VAL B 324 5.55 7.11 13.05
C VAL B 324 4.20 6.79 12.44
N GLY B 325 3.23 7.67 12.68
CA GLY B 325 1.84 7.45 12.31
C GLY B 325 1.46 8.07 10.97
N ARG B 326 1.11 9.35 10.98
CA ARG B 326 0.56 10.00 9.78
C ARG B 326 1.49 9.90 8.57
N ALA B 327 2.80 9.88 8.76
CA ALA B 327 3.69 9.78 7.60
C ALA B 327 3.46 8.43 6.89
N HIS B 328 2.96 7.43 7.61
CA HIS B 328 2.68 6.12 6.98
C HIS B 328 1.33 6.10 6.27
N LEU B 329 0.42 6.99 6.69
CA LEU B 329 -0.83 7.16 5.95
C LEU B 329 -0.52 7.84 4.63
N ALA B 330 0.38 8.83 4.67
CA ALA B 330 0.81 9.54 3.47
C ALA B 330 1.55 8.60 2.52
N ASP B 331 2.46 7.81 3.09
CA ASP B 331 3.35 6.93 2.33
C ASP B 331 3.49 5.61 3.09
N PRO B 332 2.80 4.54 2.63
CA PRO B 332 2.89 3.26 3.32
C PRO B 332 4.30 2.71 3.35
N HIS B 333 5.16 3.24 2.47
CA HIS B 333 6.54 2.77 2.39
C HIS B 333 7.48 3.78 3.07
N TRP B 334 7.00 4.47 4.09
CA TRP B 334 7.83 5.50 4.73
C TRP B 334 9.13 4.92 5.28
N ALA B 335 9.12 3.67 5.76
CA ALA B 335 10.36 3.10 6.30
C ALA B 335 11.47 3.08 5.24
N TYR B 336 11.13 2.76 3.99
CA TYR B 336 12.07 2.84 2.88
C TYR B 336 12.55 4.28 2.61
N PHE B 337 11.63 5.23 2.67
CA PHE B 337 12.00 6.64 2.51
C PHE B 337 13.01 7.06 3.61
N ALA B 338 12.74 6.65 4.84
CA ALA B 338 13.67 6.94 5.94
C ALA B 338 15.02 6.27 5.75
N ALA B 339 15.03 5.05 5.22
CA ALA B 339 16.29 4.34 5.04
C ALA B 339 17.14 5.07 4.01
N LYS B 340 16.48 5.61 2.98
CA LYS B 340 17.18 6.36 1.96
C LYS B 340 17.68 7.68 2.50
N GLU B 341 16.81 8.39 3.20
CA GLU B 341 17.17 9.69 3.75
C GLU B 341 18.37 9.57 4.70
N LEU B 342 18.48 8.45 5.42
CA LEU B 342 19.53 8.28 6.41
C LEU B 342 20.78 7.57 5.86
N GLY B 343 20.75 7.24 4.57
CA GLY B 343 21.92 6.69 3.90
C GLY B 343 22.24 5.25 4.27
N VAL B 344 21.21 4.52 4.67
CA VAL B 344 21.33 3.08 4.89
C VAL B 344 21.80 2.38 3.62
N GLU B 345 22.69 1.42 3.79
CA GLU B 345 23.22 0.70 2.64
C GLU B 345 22.19 -0.27 2.14
N LYS B 346 22.06 -0.37 0.83
CA LYS B 346 21.03 -1.22 0.23
C LYS B 346 19.69 -0.82 0.80
N ALA B 347 19.42 0.48 0.80
CA ALA B 347 18.22 1.01 1.41
C ALA B 347 16.95 0.45 0.76
N SER B 348 16.99 0.22 -0.55
CA SER B 348 15.81 -0.25 -1.26
C SER B 348 15.34 -1.62 -0.77
N TRP B 349 16.25 -2.38 -0.17
CA TRP B 349 15.94 -3.71 0.34
C TRP B 349 15.33 -3.67 1.76
N THR B 350 14.96 -2.46 2.17
CA THR B 350 13.93 -2.30 3.19
C THR B 350 12.58 -2.86 2.70
N LEU B 351 12.40 -2.84 1.39
CA LEU B 351 11.21 -3.33 0.72
C LEU B 351 11.42 -4.76 0.20
N PRO B 352 10.31 -5.47 -0.08
CA PRO B 352 10.41 -6.80 -0.71
C PRO B 352 11.04 -6.75 -2.10
N ALA B 353 11.62 -7.88 -2.53
CA ALA B 353 12.36 -7.97 -3.79
C ALA B 353 11.67 -7.33 -5.03
N PRO B 354 10.36 -7.51 -5.22
CA PRO B 354 9.76 -6.99 -6.47
C PRO B 354 9.79 -5.48 -6.59
N TYR B 355 10.05 -4.81 -5.46
CA TYR B 355 10.27 -3.37 -5.45
C TYR B 355 11.78 -3.07 -5.33
N ALA B 356 12.43 -3.73 -4.37
CA ALA B 356 13.82 -3.40 -4.02
C ALA B 356 14.76 -3.53 -5.20
N HIS B 357 14.60 -4.60 -5.99
CA HIS B 357 15.48 -4.81 -7.13
C HIS B 357 15.53 -3.58 -8.05
N TRP B 358 14.38 -2.94 -8.25
CA TRP B 358 14.25 -1.91 -9.26
C TRP B 358 14.61 -0.52 -8.75
N LEU B 359 14.58 -0.37 -7.44
CA LEU B 359 14.79 0.92 -6.80
C LEU B 359 16.23 1.10 -6.34
N GLU B 360 17.03 0.04 -6.39
CA GLU B 360 18.42 0.09 -5.91
C GLU B 360 19.14 1.37 -6.34
C1 XEN C . 12.27 -4.24 -21.43
C2 XEN C . 13.38 -3.47 -20.83
C3 XEN C . 13.09 -2.91 -19.42
C4 XEN C . 11.61 -2.71 -19.07
N5 XEN C . 10.99 -3.97 -18.61
C6 XEN C . 9.90 -4.37 -19.29
C7 XEN C . 9.26 -5.54 -18.98
C8 XEN C . 9.71 -6.33 -17.92
C9 XEN C . 10.89 -5.90 -17.23
C10 XEN C . 11.49 -4.69 -17.60
C11 XEN C . 8.02 -5.92 -19.78
O12 XEN C . 7.68 -5.28 -20.78
N13 XEN C . 7.27 -7.09 -19.30
H13 XEN C . 12.11 -5.05 -20.92
H11 XEN C . 11.46 -3.70 -21.43
H12 XEN C . 12.49 -4.49 -22.35
H22 XEN C . 14.15 -4.06 -20.78
H21 XEN C . 13.60 -2.74 -21.42
H32 XEN C . 13.44 -3.56 -18.78
H31 XEN C . 13.57 -2.08 -19.30
H42 XEN C . 11.15 -2.39 -19.86
H41 XEN C . 11.53 -2.04 -18.36
H61 XEN C . 9.59 -3.83 -19.99
H101 XEN C . 12.25 -4.39 -17.15
H132 XEN C . 6.57 -7.35 -19.72
H131 XEN C . 7.53 -7.52 -18.60
H1 XEN C . 9.28 -7.13 -17.70
H2 XEN C . 11.23 -6.40 -16.52
C9A FNR D . 8.41 -2.67 -16.04
N10 FNR D . 7.86 -2.22 -17.33
CAA FNR D . 6.92 -3.08 -18.04
N1 FNR D . 6.53 -2.72 -19.26
C2 FNR D . 5.52 -3.37 -19.84
O2 FNR D . 5.15 -3.00 -20.93
N3 FNR D . 4.93 -4.42 -19.19
C4 FNR D . 5.33 -4.83 -17.99
O4 FNR D . 4.78 -5.74 -17.43
C4A FNR D . 6.52 -4.29 -17.53
N5 FNR D . 7.11 -4.72 -16.28
C5A FNR D . 8.04 -3.88 -15.53
C6 FNR D . 8.42 -4.24 -14.23
C7 FNR D . 9.10 -3.34 -13.45
C7M FNR D . 9.28 -3.73 -11.99
C8 FNR D . 9.56 -2.16 -14.02
C8M FNR D . 10.33 -1.14 -13.19
C9 FNR D . 9.35 -1.90 -15.36
C1' FNR D . 8.21 -0.89 -17.85
C2' FNR D . 7.31 0.13 -17.13
O2' FNR D . 5.97 -0.07 -17.50
C3' FNR D . 7.69 1.59 -17.39
O3' FNR D . 7.57 1.92 -18.76
C4' FNR D . 9.12 1.87 -16.90
O4' FNR D . 9.21 1.49 -15.54
C5' FNR D . 9.46 3.35 -17.06
O5' FNR D . 8.62 4.18 -16.31
P FNR D . 9.16 4.82 -14.87
O1P FNR D . 8.07 5.69 -14.34
O2P FNR D . 10.41 5.64 -15.12
O3P FNR D . 9.48 3.63 -13.97
HN1 FNR D . 6.91 -2.07 -19.65
H3 FNR D . 4.28 -4.83 -19.58
H5 FNR D . 6.88 -5.51 -15.95
H7 FNR D . 8.09 -5.03 -13.85
H7M1 FNR D . 9.65 -4.62 -11.94
H7M2 FNR D . 8.41 -3.71 -11.55
H7M3 FNR D . 9.87 -3.10 -11.55
H8M1 FNR D . 10.88 -1.61 -12.54
H8M2 FNR D . 9.71 -0.57 -12.72
H8M3 FNR D . 10.89 -0.61 -13.77
H9 FNR D . 9.66 -1.11 -15.74
H1'1 FNR D . 9.15 -0.70 -17.67
H1'2 FNR D . 8.05 -0.86 -18.81
H6 FNR D . 7.40 -0.03 -16.17
H2' FNR D . 5.64 0.66 -17.77
H4 FNR D . 7.07 2.15 -16.89
H3' FNR D . 8.28 1.69 -19.17
H2 FNR D . 9.74 1.35 -17.42
H4' FNR D . 8.53 1.79 -15.11
H5'1 FNR D . 10.37 3.50 -16.78
H5'2 FNR D . 9.38 3.59 -17.99
C1 XEN E . -7.42 12.69 21.51
C2 XEN E . -7.12 12.46 20.06
C3 XEN E . -5.64 12.08 19.86
C4 XEN E . -5.34 11.38 18.54
N5 XEN E . -6.38 10.35 18.29
C6 XEN E . -6.35 9.27 19.07
C7 XEN E . -7.31 8.29 18.92
C8 XEN E . -8.31 8.42 17.94
C9 XEN E . -8.35 9.62 17.17
C10 XEN E . -7.33 10.56 17.36
C11 XEN E . -7.21 7.04 19.78
O12 XEN E . -6.43 6.93 20.74
N13 XEN E . -8.14 5.96 19.39
H13 XEN E . -6.81 13.34 21.86
H11 XEN E . -7.33 11.85 21.99
H12 XEN E . -8.33 13.01 21.61
H22 XEN E . -7.31 13.28 19.57
H21 XEN E . -7.69 11.75 19.72
H32 XEN E . -5.09 12.87 19.94
H31 XEN E . -5.40 11.46 20.59
H42 XEN E . -4.46 10.97 18.58
H41 XEN E . -5.36 12.05 17.83
H61 XEN E . -5.67 9.16 19.70
H101 XEN E . -7.33 11.35 16.87
H132 XEN E . -8.14 5.22 19.83
H131 XEN E . -8.66 6.06 18.72
H1 XEN E . -8.97 7.77 17.83
H2 XEN E . -8.99 9.75 16.52
C9A FNR F . -4.44 8.20 15.84
N10 FNR F . -3.79 7.91 17.11
CAA FNR F . -4.27 6.80 17.95
N1 FNR F . -3.76 6.64 19.15
C2 FNR F . -4.04 5.47 19.80
O2 FNR F . -3.51 5.26 20.87
N3 FNR F . -4.88 4.56 19.23
C4 FNR F . -5.46 4.74 18.05
O4 FNR F . -6.19 3.89 17.53
C4A FNR F . -5.34 6.02 17.53
N5 FNR F . -5.97 6.37 16.28
C5A FNR F . -5.50 7.45 15.42
C6 FNR F . -6.01 7.59 14.12
C7 FNR F . -5.39 8.47 13.27
C7M FNR F . -5.93 8.44 11.84
C8 FNR F . -4.34 9.28 13.73
C8M FNR F . -3.67 10.26 12.79
C9 FNR F . -3.92 9.22 15.04
C1' FNR F . -2.60 8.68 17.54
C2' FNR F . -1.41 8.08 16.81
O2' FNR F . -1.13 6.77 17.24
C3' FNR F . -0.15 8.95 16.97
O3' FNR F . 0.16 9.06 18.34
C4' FNR F . -0.34 10.33 16.34
O4' FNR F . -0.73 10.18 14.99
C5' FNR F . 0.96 11.14 16.42
O5' FNR F . 1.98 10.55 15.68
P FNR F . 2.37 11.16 14.19
O1P FNR F . 3.53 10.33 13.70
O2P FNR F . 2.71 12.63 14.34
O3P FNR F . 1.15 11.04 13.31
HN1 FNR F . -3.24 7.23 19.49
H3 FNR F . -5.03 3.82 19.64
H5 FNR F . -6.67 5.89 16.01
H7 FNR F . -6.70 7.03 13.82
H7M1 FNR F . -6.89 8.53 11.86
H7M2 FNR F . -5.68 7.60 11.42
H7M3 FNR F . -5.54 9.18 11.34
H8M1 FNR F . -2.72 10.31 13.00
H8M2 FNR F . -4.07 11.13 12.89
H8M3 FNR F . -3.77 9.94 11.87
H9 FNR F . -3.23 9.77 15.34
H1'1 FNR F . -2.71 9.61 17.30
H1'2 FNR F . -2.48 8.59 18.50
H6 FNR F . -1.63 8.04 15.86
H2' FNR F . -0.98 6.28 16.56
H4 FNR F . 0.59 8.50 16.52
H3' FNR F . -0.22 9.76 18.66
H2 FNR F . -1.03 10.80 16.82
H4' FNR F . -1.48 10.56 14.87
H5'1 FNR F . 1.23 11.23 17.35
H5'2 FNR F . 0.79 12.03 16.06
CA CA G . -25.60 9.65 28.60
#